data_7NXO
#
_entry.id   7NXO
#
_cell.length_a   66.874
_cell.length_b   102.914
_cell.length_c   110.053
_cell.angle_alpha   90.000
_cell.angle_beta   90.000
_cell.angle_gamma   90.000
#
_symmetry.space_group_name_H-M   'P 21 21 21'
#
loop_
_entity.id
_entity.type
_entity.pdbx_description
1 polymer 'Branched-chain-amino-acid aminotransferase, cytosolic'
2 non-polymer 4-[2,4-bis(oxidanylidene)-6-(phenylsulfonyl)-1H-pyrimidin-3-yl]-5-fluoranyl-2-(2-methylphenoxy)benzenecarbonitrile
3 non-polymer "PYRIDOXAL-5'-PHOSPHATE"
4 non-polymer GLYCEROL
5 non-polymer 'MAGNESIUM ION'
6 water water
#
_entity_poly.entity_id   1
_entity_poly.type   'polypeptide(L)'
_entity_poly.pdbx_seq_one_letter_code
;GPGMKDCSNGCSAECTGEGGSKEVVGTFKAKDLIVTPATILKEKPDPNNLVFGTVFTDHMLTVEWSSEFGWEKPHIKPLQ
NLSLHPGSSALHYAVELFEGLKAFRGVDNKIRLFQPNLNMDRMYRSAVRATLPVFDKEELLECIQQLVKLDQEWVPYSTS
ASLYIRPTFIGTEPSLGVKKPTKALLFVLLSPVGPYFSSGTFNPVSLWANPKYVRAWKGGTGDCKMGGNYGSSLFAQCEA
VDNGCQQVLWLYGEDHQITEVGTMNLFLYWINEDGEEELATPPLDGIILPGVTRRCILDLAHQWGEFKVSERYLTMDDLT
TALEGNRVREMFGSGTACVVCPVSDILYKGETIHIPTMENGPKLASRILSKLTDIQYGREERDWTIVLS
;
_entity_poly.pdbx_strand_id   A,B
#
loop_
_chem_comp.id
_chem_comp.type
_chem_comp.name
_chem_comp.formula
GOL non-polymer GLYCEROL 'C3 H8 O3'
MG non-polymer 'MAGNESIUM ION' 'Mg 2'
PLP non-polymer PYRIDOXAL-5'-PHOSPHATE 'C8 H10 N O6 P'
UU8 non-polymer 4-[2,4-bis(oxidanylidene)-6-(phenylsulfonyl)-1H-pyrimidin-3-yl]-5-fluoranyl-2-(2-methylphenoxy)benzenecarbonitrile 'C24 H16 F N3 O5 S'
#
# COMPACT_ATOMS: atom_id res chain seq x y z
N GLY A 26 -16.79 5.86 19.19
CA GLY A 26 -16.26 6.65 20.35
C GLY A 26 -14.91 7.29 20.05
N THR A 27 -14.34 8.00 21.02
CA THR A 27 -13.08 8.78 20.83
C THR A 27 -12.24 8.84 22.10
N PHE A 28 -10.93 8.98 21.94
CA PHE A 28 -10.00 9.46 23.02
C PHE A 28 -10.22 10.94 23.26
N LYS A 29 -9.85 11.43 24.44
CA LYS A 29 -10.15 12.83 24.87
C LYS A 29 -8.84 13.48 25.34
N ALA A 30 -8.56 14.69 24.84
CA ALA A 30 -7.35 15.46 25.19
C ALA A 30 -7.31 15.70 26.70
N LYS A 31 -8.47 15.84 27.34
CA LYS A 31 -8.52 16.10 28.81
C LYS A 31 -7.92 14.90 29.55
N ASP A 32 -7.84 13.71 28.91
CA ASP A 32 -7.33 12.47 29.55
C ASP A 32 -5.83 12.28 29.29
N LEU A 33 -5.17 13.22 28.60
CA LEU A 33 -3.75 13.07 28.19
C LEU A 33 -2.91 12.66 29.40
N ILE A 34 -2.09 11.63 29.22
CA ILE A 34 -1.03 11.23 30.18
C ILE A 34 0.31 11.68 29.61
N VAL A 35 1.00 12.57 30.32
CA VAL A 35 2.25 13.20 29.82
C VAL A 35 3.42 12.65 30.64
N THR A 36 4.31 11.93 29.97
CA THR A 36 5.58 11.39 30.51
C THR A 36 6.75 12.17 29.90
N PRO A 37 7.22 13.27 30.51
CA PRO A 37 8.30 14.04 29.89
C PRO A 37 9.63 13.26 29.91
N ALA A 38 10.46 13.48 28.89
CA ALA A 38 11.84 12.97 28.77
C ALA A 38 12.68 13.63 29.86
N THR A 39 13.65 12.90 30.41
CA THR A 39 14.62 13.40 31.42
C THR A 39 15.93 13.78 30.74
N ILE A 40 16.22 13.22 29.56
CA ILE A 40 17.42 13.56 28.75
C ILE A 40 16.91 14.18 27.44
N LEU A 41 17.26 15.44 27.15
CA LEU A 41 16.82 16.14 25.90
C LEU A 41 17.92 15.97 24.85
N LYS A 42 17.53 15.88 23.57
CA LYS A 42 18.49 15.89 22.43
C LYS A 42 18.85 17.32 22.05
N GLU A 43 20.04 17.53 21.50
CA GLU A 43 20.51 18.85 21.02
C GLU A 43 19.66 19.22 19.80
N LYS A 44 19.17 20.47 19.75
CA LYS A 44 18.43 21.00 18.58
C LYS A 44 19.39 21.20 17.44
N PRO A 45 18.95 20.97 16.17
CA PRO A 45 19.82 21.13 15.01
C PRO A 45 19.93 22.61 14.59
N ASP A 46 20.91 22.91 13.74
CA ASP A 46 21.07 24.22 13.06
C ASP A 46 19.95 24.36 12.02
N PRO A 47 19.09 25.40 12.11
CA PRO A 47 17.95 25.54 11.19
C PRO A 47 18.33 25.53 9.70
N ASN A 48 19.56 25.91 9.36
CA ASN A 48 20.07 26.06 7.98
C ASN A 48 20.67 24.75 7.45
N ASN A 49 20.81 23.72 8.30
CA ASN A 49 21.45 22.43 7.91
C ASN A 49 20.43 21.28 7.91
N LEU A 50 19.14 21.55 7.74
CA LEU A 50 18.04 20.57 7.99
C LEU A 50 17.69 19.77 6.73
N VAL A 51 17.84 18.45 6.80
CA VAL A 51 17.39 17.48 5.76
C VAL A 51 15.99 16.99 6.18
N PHE A 52 15.00 17.24 5.32
CA PHE A 52 13.57 16.92 5.56
C PHE A 52 13.37 15.54 6.16
N GLY A 53 12.70 15.47 7.31
CA GLY A 53 12.12 14.23 7.87
C GLY A 53 13.18 13.29 8.41
N THR A 54 14.37 13.78 8.77
CA THR A 54 15.46 12.92 9.28
C THR A 54 15.72 13.19 10.76
N VAL A 55 15.32 14.35 11.25
CA VAL A 55 15.54 14.77 12.67
C VAL A 55 14.18 14.72 13.38
N PHE A 56 14.10 14.07 14.54
CA PHE A 56 12.85 13.96 15.31
C PHE A 56 13.03 14.63 16.67
N THR A 57 11.94 15.14 17.23
CA THR A 57 11.94 15.86 18.53
C THR A 57 12.00 14.86 19.68
N ASP A 58 11.91 15.35 20.93
CA ASP A 58 12.07 14.53 22.15
C ASP A 58 10.85 13.64 22.38
N HIS A 59 9.65 14.11 22.04
CA HIS A 59 8.37 13.45 22.42
C HIS A 59 7.54 13.06 21.20
N MET A 60 6.61 12.13 21.43
CA MET A 60 5.60 11.67 20.44
C MET A 60 4.24 11.52 21.16
N LEU A 61 3.16 11.49 20.39
CA LEU A 61 1.80 11.13 20.83
C LEU A 61 1.51 9.70 20.38
N THR A 62 0.99 8.87 21.28
CA THR A 62 0.48 7.52 20.95
C THR A 62 -0.91 7.35 21.56
N VAL A 63 -1.80 6.70 20.81
CA VAL A 63 -3.16 6.33 21.29
C VAL A 63 -3.49 4.94 20.76
N GLU A 64 -3.77 4.00 21.67
CA GLU A 64 -4.17 2.60 21.37
C GLU A 64 -5.68 2.50 21.17
N TRP A 65 -6.09 1.68 20.20
CA TRP A 65 -7.51 1.29 20.00
C TRP A 65 -7.64 -0.23 19.90
N SER A 66 -8.74 -0.75 20.45
CA SER A 66 -9.21 -2.14 20.21
C SER A 66 -10.73 -2.13 19.93
N SER A 67 -11.17 -3.08 19.10
CA SER A 67 -12.62 -3.31 18.82
C SER A 67 -13.33 -3.62 20.13
N GLU A 68 -12.67 -4.34 21.05
CA GLU A 68 -13.29 -4.84 22.30
C GLU A 68 -13.61 -3.68 23.25
N PHE A 69 -12.66 -2.76 23.47
CA PHE A 69 -12.75 -1.72 24.52
C PHE A 69 -12.71 -0.29 23.94
N GLY A 70 -12.42 -0.13 22.64
CA GLY A 70 -12.38 1.19 21.99
C GLY A 70 -11.05 1.90 22.23
N TRP A 71 -11.08 3.23 22.24
CA TRP A 71 -9.89 4.10 22.38
C TRP A 71 -9.40 4.14 23.81
N GLU A 72 -8.11 3.88 24.01
CA GLU A 72 -7.43 4.08 25.32
C GLU A 72 -7.11 5.56 25.48
N LYS A 73 -6.59 5.94 26.64
CA LYS A 73 -6.20 7.35 26.91
C LYS A 73 -5.00 7.70 26.03
N PRO A 74 -4.92 8.95 25.53
CA PRO A 74 -3.77 9.39 24.74
C PRO A 74 -2.56 9.66 25.63
N HIS A 75 -1.37 9.34 25.11
CA HIS A 75 -0.07 9.50 25.83
C HIS A 75 0.85 10.43 25.05
N ILE A 76 1.43 11.42 25.73
CA ILE A 76 2.62 12.14 25.22
C ILE A 76 3.81 11.61 26.02
N LYS A 77 4.80 11.03 25.33
CA LYS A 77 5.93 10.35 25.99
C LYS A 77 7.17 10.47 25.12
N PRO A 78 8.36 10.07 25.61
CA PRO A 78 9.59 10.20 24.84
C PRO A 78 9.46 9.37 23.55
N LEU A 79 9.98 9.94 22.47
CA LEU A 79 10.08 9.24 21.17
C LEU A 79 10.72 7.88 21.43
N GLN A 80 10.13 6.82 20.88
CA GLN A 80 10.60 5.43 21.11
C GLN A 80 10.26 4.61 19.86
N ASN A 81 10.94 3.49 19.70
CA ASN A 81 10.51 2.45 18.73
C ASN A 81 9.11 1.96 19.10
N LEU A 82 8.35 1.56 18.08
CA LEU A 82 7.05 0.88 18.28
C LEU A 82 7.31 -0.62 18.44
N SER A 83 6.61 -1.26 19.39
CA SER A 83 6.64 -2.73 19.59
C SER A 83 5.41 -3.33 18.90
N LEU A 84 5.61 -3.90 17.71
CA LEU A 84 4.52 -4.40 16.84
C LEU A 84 4.66 -5.91 16.67
N HIS A 85 3.55 -6.61 16.83
CA HIS A 85 3.43 -8.05 16.49
C HIS A 85 3.81 -8.17 15.01
N PRO A 86 4.67 -9.12 14.62
CA PRO A 86 5.09 -9.23 13.22
C PRO A 86 3.96 -9.56 12.24
N GLY A 87 2.81 -10.00 12.74
CA GLY A 87 1.57 -10.21 11.96
C GLY A 87 0.73 -8.94 11.75
N SER A 88 1.15 -7.79 12.29
CA SER A 88 0.40 -6.49 12.21
C SER A 88 -0.01 -6.17 10.78
N SER A 89 -1.29 -5.86 10.55
CA SER A 89 -1.80 -5.66 9.18
C SER A 89 -1.14 -4.44 8.50
N ALA A 90 -0.62 -3.45 9.24
CA ALA A 90 0.16 -2.35 8.63
C ALA A 90 1.36 -2.89 7.84
N LEU A 91 1.95 -4.01 8.26
CA LEU A 91 3.18 -4.58 7.65
C LEU A 91 2.86 -5.50 6.46
N HIS A 92 1.69 -6.15 6.44
CA HIS A 92 1.34 -7.16 5.39
C HIS A 92 0.43 -6.53 4.32
N TYR A 93 -0.55 -5.75 4.74
CA TYR A 93 -1.65 -5.28 3.83
C TYR A 93 -1.76 -3.76 3.87
N ALA A 94 -0.73 -3.06 4.34
CA ALA A 94 -0.65 -1.59 4.21
C ALA A 94 -1.92 -0.95 4.80
N VAL A 95 -2.38 -1.48 5.93
CA VAL A 95 -3.55 -0.91 6.66
C VAL A 95 -3.03 0.30 7.42
N GLU A 96 -2.97 1.44 6.75
CA GLU A 96 -2.22 2.62 7.25
C GLU A 96 -2.59 3.88 6.48
N LEU A 97 -2.51 5.02 7.16
CA LEU A 97 -2.63 6.34 6.53
C LEU A 97 -1.80 7.34 7.33
N PHE A 98 -1.60 8.52 6.76
CA PHE A 98 -0.79 9.58 7.39
C PHE A 98 -1.32 10.95 6.98
N GLU A 99 -0.82 11.95 7.68
CA GLU A 99 -1.07 13.37 7.36
C GLU A 99 0.26 14.12 7.38
N GLY A 100 0.25 15.33 6.86
CA GLY A 100 1.39 16.26 6.84
C GLY A 100 0.90 17.68 7.01
N LEU A 101 1.35 18.34 8.08
CA LEU A 101 1.02 19.76 8.36
C LEU A 101 2.19 20.38 9.13
N LYS A 102 2.21 21.70 9.27
CA LYS A 102 3.38 22.41 9.84
C LYS A 102 2.98 23.36 10.97
N ALA A 103 3.90 23.50 11.92
CA ALA A 103 3.91 24.58 12.93
C ALA A 103 4.99 25.58 12.54
N PHE A 104 4.69 26.87 12.63
CA PHE A 104 5.56 28.00 12.24
C PHE A 104 5.77 28.93 13.43
N ARG A 105 7.03 29.24 13.75
CA ARG A 105 7.37 30.28 14.75
C ARG A 105 7.27 31.64 14.06
N GLY A 106 6.34 32.48 14.51
CA GLY A 106 6.01 33.74 13.82
C GLY A 106 7.06 34.81 14.06
N VAL A 107 7.03 35.88 13.25
CA VAL A 107 7.90 37.08 13.41
C VAL A 107 7.65 37.70 14.80
N ASP A 108 6.49 37.41 15.41
CA ASP A 108 6.13 37.89 16.78
C ASP A 108 6.47 36.80 17.81
N ASN A 109 7.15 35.74 17.38
CA ASN A 109 7.59 34.60 18.23
C ASN A 109 6.38 33.80 18.75
N LYS A 110 5.19 33.94 18.16
CA LYS A 110 4.04 33.06 18.47
C LYS A 110 4.01 31.92 17.45
N ILE A 111 3.83 30.71 17.95
CA ILE A 111 3.78 29.48 17.11
C ILE A 111 2.36 29.32 16.59
N ARG A 112 2.23 29.07 15.29
CA ARG A 112 0.93 28.97 14.61
C ARG A 112 0.84 27.65 13.85
N LEU A 113 -0.34 27.05 13.85
CA LEU A 113 -0.72 26.02 12.86
C LEU A 113 -1.47 26.68 11.71
N PHE A 114 -1.45 26.02 10.55
CA PHE A 114 -2.03 26.55 9.30
C PHE A 114 -3.09 25.55 8.81
N GLN A 115 -4.35 25.99 8.73
CA GLN A 115 -5.50 25.20 8.24
C GLN A 115 -5.50 23.77 8.81
N PRO A 116 -5.22 23.57 10.12
CA PRO A 116 -5.06 22.20 10.61
C PRO A 116 -6.38 21.39 10.59
N ASN A 117 -7.52 22.07 10.64
N ASN A 117 -7.52 22.08 10.64
CA ASN A 117 -8.85 21.39 10.60
CA ASN A 117 -8.87 21.44 10.59
C ASN A 117 -9.05 20.68 9.26
C ASN A 117 -9.04 20.69 9.27
N LEU A 118 -8.46 21.19 8.18
CA LEU A 118 -8.56 20.54 6.84
C LEU A 118 -7.76 19.24 6.87
N ASN A 119 -6.61 19.21 7.57
CA ASN A 119 -5.84 17.96 7.76
C ASN A 119 -6.66 16.97 8.58
N MET A 120 -7.33 17.41 9.66
CA MET A 120 -8.15 16.50 10.48
C MET A 120 -9.31 15.95 9.64
N ASP A 121 -9.98 16.77 8.83
CA ASP A 121 -11.10 16.34 7.95
C ASP A 121 -10.60 15.22 7.02
N ARG A 122 -9.45 15.44 6.39
CA ARG A 122 -8.87 14.50 5.40
C ARG A 122 -8.43 13.21 6.11
N MET A 123 -7.85 13.31 7.32
CA MET A 123 -7.36 12.14 8.09
C MET A 123 -8.56 11.25 8.46
N TYR A 124 -9.68 11.87 8.89
CA TYR A 124 -10.92 11.16 9.23
C TYR A 124 -11.44 10.41 8.00
N ARG A 125 -11.50 11.09 6.85
CA ARG A 125 -11.97 10.51 5.55
C ARG A 125 -11.05 9.36 5.16
N SER A 126 -9.74 9.53 5.30
CA SER A 126 -8.74 8.47 5.02
C SER A 126 -9.00 7.27 5.93
N ALA A 127 -9.30 7.49 7.21
CA ALA A 127 -9.53 6.40 8.19
C ALA A 127 -10.73 5.57 7.74
N VAL A 128 -11.82 6.24 7.34
CA VAL A 128 -13.06 5.56 6.90
C VAL A 128 -12.72 4.69 5.68
N ARG A 129 -11.96 5.21 4.74
CA ARG A 129 -11.60 4.48 3.49
C ARG A 129 -10.64 3.32 3.81
N ALA A 130 -9.82 3.45 4.84
CA ALA A 130 -8.83 2.43 5.25
C ALA A 130 -9.47 1.34 6.12
N THR A 131 -10.67 1.62 6.65
CA THR A 131 -11.46 0.81 7.62
C THR A 131 -10.80 0.86 9.01
N LEU A 132 -10.00 1.87 9.26
CA LEU A 132 -9.46 2.17 10.62
C LEU A 132 -10.54 2.89 11.41
N PRO A 133 -10.48 2.83 12.76
CA PRO A 133 -11.52 3.43 13.59
C PRO A 133 -11.55 4.96 13.50
N VAL A 134 -12.75 5.51 13.48
CA VAL A 134 -12.98 6.98 13.50
C VAL A 134 -12.70 7.49 14.92
N PHE A 135 -12.43 8.79 15.02
CA PHE A 135 -12.02 9.53 16.25
C PHE A 135 -12.61 10.95 16.13
N ASP A 136 -12.61 11.70 17.23
CA ASP A 136 -13.08 13.11 17.24
C ASP A 136 -11.94 14.01 16.77
N LYS A 137 -12.18 14.72 15.66
CA LYS A 137 -11.16 15.56 14.97
C LYS A 137 -10.65 16.66 15.90
N GLU A 138 -11.53 17.26 16.69
CA GLU A 138 -11.15 18.36 17.61
C GLU A 138 -10.29 17.81 18.76
N GLU A 139 -10.57 16.60 19.24
CA GLU A 139 -9.75 15.94 20.30
C GLU A 139 -8.35 15.63 19.76
N LEU A 140 -8.24 15.11 18.53
CA LEU A 140 -6.90 14.85 17.94
C LEU A 140 -6.15 16.18 17.81
N LEU A 141 -6.77 17.22 17.27
CA LEU A 141 -6.08 18.52 17.06
C LEU A 141 -5.57 19.05 18.41
N GLU A 142 -6.39 18.98 19.47
CA GLU A 142 -5.97 19.48 20.81
C GLU A 142 -4.76 18.66 21.27
N CYS A 143 -4.76 17.34 21.09
CA CYS A 143 -3.64 16.46 21.51
C CYS A 143 -2.37 16.86 20.73
N ILE A 144 -2.52 17.11 19.41
CA ILE A 144 -1.40 17.60 18.55
C ILE A 144 -0.89 18.94 19.11
N GLN A 145 -1.78 19.89 19.42
CA GLN A 145 -1.39 21.21 19.99
C GLN A 145 -0.57 21.00 21.28
N GLN A 146 -0.99 20.09 22.15
CA GLN A 146 -0.30 19.85 23.45
C GLN A 146 1.08 19.23 23.21
N LEU A 147 1.21 18.35 22.21
CA LEU A 147 2.51 17.73 21.86
C LEU A 147 3.46 18.83 21.36
N VAL A 148 3.00 19.70 20.46
CA VAL A 148 3.84 20.79 19.89
C VAL A 148 4.21 21.75 21.01
N LYS A 149 3.26 22.06 21.88
CA LYS A 149 3.52 22.97 23.03
C LYS A 149 4.66 22.41 23.88
N LEU A 150 4.61 21.12 24.23
CA LEU A 150 5.66 20.49 25.07
C LEU A 150 7.01 20.58 24.34
N ASP A 151 7.03 20.30 23.04
CA ASP A 151 8.27 20.31 22.21
C ASP A 151 8.41 21.64 21.45
N GLN A 152 7.88 22.75 21.97
CA GLN A 152 7.78 24.03 21.21
C GLN A 152 9.16 24.61 20.88
N GLU A 153 10.19 24.35 21.70
CA GLU A 153 11.55 24.88 21.44
C GLU A 153 12.14 24.20 20.19
N TRP A 154 11.50 23.14 19.68
CA TRP A 154 11.90 22.47 18.41
C TRP A 154 11.38 23.23 17.19
N VAL A 155 10.38 24.10 17.36
CA VAL A 155 9.85 24.90 16.23
C VAL A 155 10.93 25.92 15.89
N PRO A 156 11.61 25.82 14.73
CA PRO A 156 12.86 26.55 14.50
C PRO A 156 12.73 28.07 14.64
N TYR A 157 13.82 28.69 15.13
CA TYR A 157 13.99 30.16 15.19
C TYR A 157 14.54 30.62 13.84
N SER A 158 13.66 30.62 12.84
CA SER A 158 13.97 30.97 11.43
C SER A 158 12.66 31.16 10.67
N THR A 159 12.58 32.20 9.86
CA THR A 159 11.40 32.55 9.03
C THR A 159 11.41 31.73 7.72
N SER A 160 12.33 30.79 7.53
CA SER A 160 12.34 29.88 6.36
C SER A 160 12.37 28.41 6.78
N ALA A 161 12.21 28.12 8.07
CA ALA A 161 12.14 26.74 8.61
C ALA A 161 10.84 26.58 9.41
N SER A 162 10.50 25.35 9.76
CA SER A 162 9.20 25.02 10.38
C SER A 162 9.31 23.65 11.05
N LEU A 163 8.28 23.28 11.80
CA LEU A 163 8.19 21.96 12.44
C LEU A 163 7.16 21.14 11.68
N TYR A 164 7.61 20.09 11.00
CA TYR A 164 6.73 19.15 10.29
C TYR A 164 6.06 18.23 11.32
N ILE A 165 4.76 18.07 11.16
CA ILE A 165 3.87 17.25 12.03
C ILE A 165 3.36 16.08 11.20
N ARG A 166 3.63 14.85 11.64
CA ARG A 166 3.30 13.61 10.90
C ARG A 166 2.38 12.76 11.77
N PRO A 167 1.06 13.00 11.72
CA PRO A 167 0.08 12.06 12.26
C PRO A 167 0.10 10.80 11.39
N THR A 168 0.07 9.65 12.05
CA THR A 168 0.19 8.32 11.40
C THR A 168 -0.77 7.37 12.10
N PHE A 169 -1.37 6.46 11.36
CA PHE A 169 -2.48 5.62 11.88
C PHE A 169 -2.35 4.24 11.24
N ILE A 170 -2.07 3.22 12.07
CA ILE A 170 -1.72 1.87 11.57
C ILE A 170 -2.61 0.78 12.20
N GLY A 171 -2.91 -0.25 11.39
CA GLY A 171 -3.50 -1.50 11.88
C GLY A 171 -2.44 -2.38 12.56
N THR A 172 -2.73 -2.86 13.77
CA THR A 172 -1.72 -3.58 14.59
C THR A 172 -2.27 -4.94 15.05
N GLU A 173 -3.33 -5.43 14.44
CA GLU A 173 -3.93 -6.73 14.82
C GLU A 173 -2.98 -7.87 14.45
N PRO A 174 -2.68 -8.78 15.41
CA PRO A 174 -1.72 -9.86 15.22
C PRO A 174 -2.36 -11.03 14.48
N SER A 175 -2.74 -10.82 13.23
CA SER A 175 -3.50 -11.81 12.43
C SER A 175 -3.23 -11.60 10.95
N LEU A 176 -3.03 -12.67 10.18
CA LEU A 176 -2.82 -12.55 8.70
C LEU A 176 -4.16 -12.46 7.97
N GLY A 177 -5.26 -12.44 8.71
CA GLY A 177 -6.60 -12.32 8.10
C GLY A 177 -6.68 -11.02 7.31
N VAL A 178 -7.30 -11.08 6.14
CA VAL A 178 -7.64 -9.88 5.31
C VAL A 178 -8.99 -9.39 5.81
N LYS A 179 -8.98 -8.34 6.64
CA LYS A 179 -10.23 -7.95 7.35
C LYS A 179 -10.03 -6.62 8.07
N LYS A 180 -11.15 -6.01 8.46
CA LYS A 180 -11.15 -4.76 9.25
C LYS A 180 -10.27 -4.99 10.48
N PRO A 181 -9.31 -4.13 10.78
CA PRO A 181 -8.44 -4.35 11.93
C PRO A 181 -9.22 -4.21 13.26
N THR A 182 -8.88 -5.04 14.24
CA THR A 182 -9.51 -5.04 15.60
C THR A 182 -8.56 -4.41 16.61
N LYS A 183 -7.39 -3.99 16.16
CA LYS A 183 -6.35 -3.31 16.97
C LYS A 183 -5.72 -2.27 16.07
N ALA A 184 -5.47 -1.08 16.62
CA ALA A 184 -4.82 0.01 15.87
C ALA A 184 -4.02 0.92 16.81
N LEU A 185 -3.07 1.64 16.22
CA LEU A 185 -2.28 2.67 16.90
C LEU A 185 -2.33 3.94 16.07
N LEU A 186 -2.72 5.04 16.72
CA LEU A 186 -2.57 6.40 16.17
C LEU A 186 -1.39 7.06 16.88
N PHE A 187 -0.44 7.59 16.11
CA PHE A 187 0.74 8.28 16.69
C PHE A 187 1.05 9.54 15.89
N VAL A 188 1.79 10.45 16.52
CA VAL A 188 2.21 11.73 15.88
C VAL A 188 3.70 11.91 16.15
N LEU A 189 4.46 12.14 15.08
CA LEU A 189 5.90 12.49 15.10
C LEU A 189 6.07 13.96 14.74
N LEU A 190 7.10 14.59 15.30
CA LEU A 190 7.49 15.97 14.98
C LEU A 190 8.92 15.95 14.43
N SER A 191 9.15 16.74 13.40
CA SER A 191 10.44 16.80 12.66
C SER A 191 10.71 18.23 12.21
N PRO A 192 11.77 18.91 12.71
CA PRO A 192 12.11 20.24 12.23
C PRO A 192 12.63 20.13 10.79
N VAL A 193 12.21 21.02 9.90
CA VAL A 193 12.61 21.00 8.46
C VAL A 193 13.00 22.41 8.02
N GLY A 194 13.94 22.48 7.07
CA GLY A 194 14.50 23.73 6.54
C GLY A 194 13.62 24.29 5.43
N PRO A 195 14.10 25.28 4.66
CA PRO A 195 13.43 25.69 3.44
C PRO A 195 13.63 24.56 2.41
N TYR A 196 12.54 24.10 1.79
CA TYR A 196 12.58 23.11 0.69
C TYR A 196 12.75 21.69 1.28
N PHE A 197 13.76 20.93 0.84
CA PHE A 197 13.95 19.50 1.21
C PHE A 197 15.37 19.23 1.70
N SER A 198 16.37 19.72 0.95
CA SER A 198 17.82 19.50 1.21
C SER A 198 18.30 20.42 2.32
N PHE A 202 13.74 29.81 -5.06
CA PHE A 202 13.13 28.95 -6.11
C PHE A 202 14.21 28.20 -6.89
N ASN A 203 14.38 26.91 -6.60
CA ASN A 203 15.28 25.98 -7.33
C ASN A 203 14.40 25.03 -8.14
N PRO A 204 14.05 25.37 -9.42
CA PRO A 204 12.95 24.73 -10.12
C PRO A 204 13.17 23.23 -10.38
N VAL A 205 12.07 22.47 -10.43
CA VAL A 205 12.14 20.98 -10.56
C VAL A 205 11.98 20.59 -12.02
N SER A 206 12.68 19.53 -12.40
CA SER A 206 12.51 18.79 -13.67
C SER A 206 11.63 17.56 -13.39
N LEU A 207 10.65 17.29 -14.25
CA LEU A 207 9.66 16.19 -14.07
C LEU A 207 9.95 15.07 -15.07
N TRP A 208 9.85 13.82 -14.59
CA TRP A 208 9.97 12.57 -15.38
C TRP A 208 8.55 12.10 -15.74
N ALA A 209 8.23 12.08 -17.02
CA ALA A 209 6.89 11.73 -17.57
C ALA A 209 7.02 10.43 -18.37
N ASN A 210 6.61 9.33 -17.76
CA ASN A 210 6.59 7.99 -18.38
C ASN A 210 5.20 7.41 -18.16
N PRO A 211 4.36 7.31 -19.21
CA PRO A 211 2.97 6.88 -19.05
C PRO A 211 2.80 5.38 -18.72
N LYS A 212 3.89 4.62 -18.76
CA LYS A 212 3.89 3.19 -18.36
C LYS A 212 3.56 3.04 -16.86
N TYR A 213 3.74 4.06 -16.05
CA TYR A 213 3.42 4.04 -14.59
C TYR A 213 2.21 4.93 -14.33
N VAL A 214 1.25 4.43 -13.56
CA VAL A 214 -0.02 5.15 -13.25
C VAL A 214 -0.13 5.22 -11.74
N ARG A 215 -0.30 6.42 -11.21
CA ARG A 215 -0.30 6.68 -9.75
C ARG A 215 -1.58 6.14 -9.12
N ALA A 216 -2.70 6.33 -9.80
CA ALA A 216 -4.04 6.20 -9.20
C ALA A 216 -5.06 5.96 -10.31
N TRP A 217 -6.17 5.32 -9.96
CA TRP A 217 -7.22 4.92 -10.93
C TRP A 217 -8.58 5.26 -10.33
N LYS A 218 -9.58 5.51 -11.17
CA LYS A 218 -10.98 5.68 -10.72
C LYS A 218 -11.44 4.37 -10.08
N GLY A 219 -11.96 4.46 -8.85
CA GLY A 219 -12.35 3.31 -8.04
C GLY A 219 -11.24 2.89 -7.09
N GLY A 220 -10.12 3.62 -7.10
CA GLY A 220 -8.98 3.41 -6.20
C GLY A 220 -8.98 4.42 -5.06
N THR A 221 -7.84 4.56 -4.39
CA THR A 221 -7.71 5.32 -3.12
C THR A 221 -6.81 6.54 -3.33
N GLY A 222 -6.58 6.96 -4.56
CA GLY A 222 -5.68 8.08 -4.89
C GLY A 222 -6.14 9.39 -4.28
N ASP A 223 -7.41 9.51 -3.90
CA ASP A 223 -7.95 10.77 -3.32
C ASP A 223 -7.86 10.71 -1.79
N CYS A 224 -7.17 9.72 -1.22
CA CYS A 224 -6.93 9.61 0.25
C CYS A 224 -5.43 9.51 0.51
N LYS A 225 -4.97 9.95 1.68
CA LYS A 225 -3.53 9.89 2.05
C LYS A 225 -3.25 8.54 2.73
N MET A 226 -3.43 7.45 1.99
CA MET A 226 -3.22 6.08 2.49
C MET A 226 -1.85 5.60 1.99
N GLY A 227 -1.08 4.97 2.88
CA GLY A 227 0.31 4.53 2.60
C GLY A 227 0.40 3.79 1.25
N GLY A 228 -0.59 2.97 0.91
CA GLY A 228 -0.56 2.10 -0.28
C GLY A 228 -0.38 2.85 -1.58
N ASN A 229 -0.85 4.11 -1.61
CA ASN A 229 -0.73 4.98 -2.81
C ASN A 229 0.75 5.28 -3.11
N TYR A 230 1.64 5.18 -2.11
CA TYR A 230 3.04 5.71 -2.19
C TYR A 230 4.01 4.55 -2.42
N GLY A 231 3.80 3.38 -1.81
CA GLY A 231 4.76 2.27 -1.94
C GLY A 231 4.88 1.85 -3.40
N SER A 232 3.76 1.88 -4.10
CA SER A 232 3.62 1.49 -5.54
CA SER A 232 3.61 1.50 -5.53
C SER A 232 4.22 2.56 -6.45
N SER A 233 4.45 3.78 -5.95
CA SER A 233 4.94 4.94 -6.75
C SER A 233 6.46 5.07 -6.66
N LEU A 234 7.13 4.33 -5.77
CA LEU A 234 8.59 4.50 -5.49
C LEU A 234 9.45 4.12 -6.70
N PHE A 235 9.09 3.06 -7.43
CA PHE A 235 9.92 2.62 -8.59
C PHE A 235 10.08 3.78 -9.57
N ALA A 236 8.98 4.45 -9.92
CA ALA A 236 8.96 5.56 -10.89
C ALA A 236 9.80 6.72 -10.34
N GLN A 237 9.68 7.01 -9.04
CA GLN A 237 10.44 8.09 -8.38
C GLN A 237 11.94 7.80 -8.49
N CYS A 238 12.39 6.57 -8.22
CA CYS A 238 13.83 6.19 -8.35
C CYS A 238 14.28 6.30 -9.81
N GLU A 239 13.40 5.95 -10.76
CA GLU A 239 13.69 6.10 -12.22
C GLU A 239 13.82 7.60 -12.55
N ALA A 240 12.98 8.45 -11.96
CA ALA A 240 13.02 9.92 -12.16
C ALA A 240 14.40 10.44 -11.71
N VAL A 241 14.82 10.11 -10.50
CA VAL A 241 16.11 10.60 -9.91
C VAL A 241 17.28 10.08 -10.76
N ASP A 242 17.21 8.85 -11.25
CA ASP A 242 18.26 8.27 -12.15
C ASP A 242 18.38 9.11 -13.42
N ASN A 243 17.34 9.85 -13.80
CA ASN A 243 17.32 10.69 -15.03
C ASN A 243 17.41 12.19 -14.66
N GLY A 244 17.86 12.49 -13.45
CA GLY A 244 18.13 13.87 -12.99
C GLY A 244 16.85 14.66 -12.72
N CYS A 245 15.72 13.98 -12.49
CA CYS A 245 14.41 14.63 -12.19
C CYS A 245 14.12 14.48 -10.70
N GLN A 246 13.49 15.47 -10.11
CA GLN A 246 13.18 15.48 -8.65
C GLN A 246 11.81 14.83 -8.40
N GLN A 247 10.89 14.92 -9.36
CA GLN A 247 9.51 14.42 -9.20
C GLN A 247 9.05 13.71 -10.49
N VAL A 248 8.05 12.84 -10.32
CA VAL A 248 7.34 12.17 -11.44
C VAL A 248 6.15 13.04 -11.85
N LEU A 249 6.01 13.29 -13.14
CA LEU A 249 4.74 13.85 -13.68
C LEU A 249 3.81 12.67 -13.94
N TRP A 250 2.78 12.55 -13.10
CA TRP A 250 1.83 11.41 -13.13
C TRP A 250 0.81 11.58 -14.26
N LEU A 251 0.92 10.73 -15.29
CA LEU A 251 0.03 10.75 -16.47
C LEU A 251 -1.04 9.68 -16.31
N TYR A 252 -2.23 10.00 -16.82
CA TYR A 252 -3.42 9.12 -16.73
C TYR A 252 -4.15 9.07 -18.08
N GLY A 253 -4.43 7.85 -18.53
CA GLY A 253 -5.39 7.59 -19.61
C GLY A 253 -4.78 7.69 -20.97
N GLU A 254 -5.59 7.41 -21.99
CA GLU A 254 -5.18 7.36 -23.41
C GLU A 254 -4.73 8.74 -23.87
N ASP A 255 -5.26 9.83 -23.29
CA ASP A 255 -4.95 11.23 -23.72
C ASP A 255 -3.77 11.80 -22.91
N HIS A 256 -3.19 11.04 -21.98
CA HIS A 256 -2.02 11.45 -21.17
C HIS A 256 -2.38 12.73 -20.38
N GLN A 257 -3.43 12.64 -19.58
CA GLN A 257 -3.81 13.74 -18.66
C GLN A 257 -2.66 13.95 -17.69
N ILE A 258 -2.26 15.19 -17.47
CA ILE A 258 -1.25 15.53 -16.42
C ILE A 258 -2.02 15.72 -15.11
N THR A 259 -1.66 14.98 -14.06
CA THR A 259 -2.51 14.88 -12.85
C THR A 259 -1.84 15.54 -11.65
N GLU A 260 -0.63 15.10 -11.31
CA GLU A 260 0.08 15.48 -10.07
C GLU A 260 1.56 15.69 -10.40
N VAL A 261 2.16 16.66 -9.72
CA VAL A 261 3.62 16.93 -9.76
C VAL A 261 4.23 16.09 -8.64
N GLY A 262 4.41 14.80 -8.87
CA GLY A 262 4.92 13.84 -7.88
C GLY A 262 4.04 13.75 -6.64
N THR A 263 4.52 14.31 -5.52
CA THR A 263 3.84 14.33 -4.20
C THR A 263 2.96 15.57 -4.06
N MET A 264 2.81 16.35 -5.13
CA MET A 264 2.22 17.71 -5.09
C MET A 264 1.12 17.85 -6.14
N ASN A 265 0.16 18.71 -5.85
CA ASN A 265 -0.90 19.07 -6.83
C ASN A 265 -0.28 19.91 -7.96
N LEU A 266 -0.93 19.88 -9.12
CA LEU A 266 -0.41 20.47 -10.38
C LEU A 266 -1.20 21.73 -10.72
N PHE A 267 -0.51 22.85 -10.92
CA PHE A 267 -1.12 24.12 -11.41
C PHE A 267 -0.45 24.55 -12.72
N LEU A 268 -1.27 25.03 -13.64
CA LEU A 268 -0.84 25.57 -14.95
C LEU A 268 -1.46 26.96 -15.11
N TYR A 269 -0.59 27.94 -15.25
CA TYR A 269 -0.95 29.37 -15.49
C TYR A 269 -0.64 29.67 -16.94
N TRP A 270 -1.67 29.98 -17.73
CA TRP A 270 -1.53 30.01 -19.21
C TRP A 270 -2.66 30.85 -19.83
N ILE A 271 -2.50 31.12 -21.12
CA ILE A 271 -3.61 31.58 -22.00
C ILE A 271 -4.25 30.30 -22.54
N ASN A 272 -5.53 30.09 -22.26
CA ASN A 272 -6.24 28.85 -22.64
C ASN A 272 -6.64 28.92 -24.13
N GLU A 273 -7.40 27.92 -24.59
CA GLU A 273 -7.76 27.69 -26.01
C GLU A 273 -8.64 28.83 -26.52
N ASP A 274 -9.37 29.51 -25.64
CA ASP A 274 -10.26 30.64 -25.98
C ASP A 274 -9.50 31.97 -25.87
N GLY A 275 -8.20 31.94 -25.60
CA GLY A 275 -7.37 33.15 -25.49
C GLY A 275 -7.57 33.89 -24.18
N GLU A 276 -8.06 33.22 -23.13
CA GLU A 276 -8.29 33.82 -21.80
C GLU A 276 -7.15 33.41 -20.85
N GLU A 277 -6.65 34.37 -20.07
CA GLU A 277 -5.73 34.14 -18.93
C GLU A 277 -6.44 33.23 -17.93
N GLU A 278 -5.78 32.14 -17.51
CA GLU A 278 -6.44 31.08 -16.71
C GLU A 278 -5.42 30.39 -15.81
N LEU A 279 -5.80 30.17 -14.56
CA LEU A 279 -5.13 29.22 -13.65
C LEU A 279 -5.92 27.91 -13.67
N ALA A 280 -5.31 26.83 -14.14
CA ALA A 280 -5.96 25.52 -14.34
C ALA A 280 -5.29 24.48 -13.44
N THR A 281 -6.11 23.57 -12.91
CA THR A 281 -5.65 22.43 -12.08
C THR A 281 -6.63 21.30 -12.35
N PRO A 282 -6.16 20.03 -12.37
CA PRO A 282 -7.06 18.89 -12.57
C PRO A 282 -8.19 18.83 -11.53
N PRO A 283 -9.41 18.41 -11.94
CA PRO A 283 -10.55 18.34 -11.03
C PRO A 283 -10.47 17.11 -10.10
N LEU A 284 -11.16 17.18 -8.97
CA LEU A 284 -11.25 16.08 -7.97
C LEU A 284 -12.21 15.00 -8.48
N ASP A 285 -11.78 14.19 -9.45
CA ASP A 285 -12.65 13.15 -10.06
C ASP A 285 -12.24 11.76 -9.54
N GLY A 286 -11.41 11.71 -8.49
CA GLY A 286 -11.05 10.47 -7.78
C GLY A 286 -9.57 10.09 -7.88
N ILE A 287 -8.80 10.67 -8.83
CA ILE A 287 -7.36 10.33 -9.02
C ILE A 287 -6.46 11.46 -8.52
N ILE A 288 -7.03 12.50 -7.91
CA ILE A 288 -6.28 13.67 -7.40
C ILE A 288 -6.41 13.71 -5.88
N LEU A 289 -5.30 13.84 -5.17
CA LEU A 289 -5.30 14.06 -3.70
C LEU A 289 -5.76 15.51 -3.46
N PRO A 290 -6.87 15.74 -2.74
CA PRO A 290 -7.32 17.11 -2.49
C PRO A 290 -6.40 17.80 -1.47
N GLY A 291 -5.37 18.50 -1.99
CA GLY A 291 -4.35 19.19 -1.18
C GLY A 291 -4.93 20.36 -0.37
N VAL A 292 -4.46 20.57 0.85
CA VAL A 292 -4.75 21.83 1.61
C VAL A 292 -4.15 23.01 0.85
N THR A 293 -2.91 22.91 0.36
CA THR A 293 -2.23 24.00 -0.39
C THR A 293 -3.06 24.30 -1.66
N ARG A 294 -3.46 23.27 -2.39
CA ARG A 294 -4.34 23.38 -3.60
C ARG A 294 -5.60 24.18 -3.26
N ARG A 295 -6.29 23.81 -2.18
CA ARG A 295 -7.51 24.48 -1.69
C ARG A 295 -7.22 25.96 -1.42
N CYS A 296 -6.14 26.26 -0.70
CA CYS A 296 -5.76 27.67 -0.36
C CYS A 296 -5.51 28.46 -1.65
N ILE A 297 -4.80 27.85 -2.61
CA ILE A 297 -4.44 28.55 -3.87
C ILE A 297 -5.71 28.85 -4.67
N LEU A 298 -6.62 27.88 -4.81
CA LEU A 298 -7.91 28.10 -5.52
C LEU A 298 -8.67 29.21 -4.80
N ASP A 299 -8.74 29.17 -3.46
CA ASP A 299 -9.44 30.20 -2.65
C ASP A 299 -8.86 31.58 -2.95
N LEU A 300 -7.52 31.73 -2.96
CA LEU A 300 -6.88 33.05 -3.23
C LEU A 300 -7.19 33.48 -4.67
N ALA A 301 -7.03 32.60 -5.66
CA ALA A 301 -7.22 32.94 -7.09
C ALA A 301 -8.67 33.39 -7.32
N HIS A 302 -9.63 32.72 -6.68
CA HIS A 302 -11.07 33.07 -6.77
C HIS A 302 -11.26 34.44 -6.11
N GLN A 303 -10.63 34.66 -4.95
CA GLN A 303 -10.77 35.93 -4.19
C GLN A 303 -10.24 37.09 -5.02
N TRP A 304 -9.07 36.94 -5.64
CA TRP A 304 -8.42 38.04 -6.42
C TRP A 304 -9.30 38.41 -7.61
N GLY A 305 -9.92 37.44 -8.29
CA GLY A 305 -10.85 37.70 -9.41
C GLY A 305 -10.17 38.40 -10.57
N GLU A 306 -8.88 38.12 -10.82
CA GLU A 306 -8.09 38.82 -11.86
C GLU A 306 -7.98 37.95 -13.11
N PHE A 307 -8.36 36.67 -13.04
CA PHE A 307 -8.27 35.74 -14.20
C PHE A 307 -9.18 34.55 -13.96
N LYS A 308 -9.42 33.78 -15.01
CA LYS A 308 -10.25 32.55 -14.94
C LYS A 308 -9.54 31.53 -14.05
N VAL A 309 -10.30 30.84 -13.21
CA VAL A 309 -9.86 29.70 -12.38
C VAL A 309 -10.70 28.49 -12.81
N SER A 310 -10.05 27.45 -13.34
CA SER A 310 -10.73 26.27 -13.93
C SER A 310 -10.16 24.99 -13.32
N GLU A 311 -11.04 24.16 -12.75
CA GLU A 311 -10.71 22.75 -12.43
C GLU A 311 -11.11 21.96 -13.67
N ARG A 312 -10.12 21.54 -14.44
CA ARG A 312 -10.35 21.04 -15.80
C ARG A 312 -9.24 20.04 -16.13
N TYR A 313 -9.53 19.17 -17.09
CA TYR A 313 -8.54 18.22 -17.62
C TYR A 313 -7.49 18.98 -18.41
N LEU A 314 -6.23 18.56 -18.24
CA LEU A 314 -5.05 19.08 -18.96
C LEU A 314 -4.27 17.89 -19.48
N THR A 315 -4.01 17.83 -20.78
CA THR A 315 -3.24 16.74 -21.42
C THR A 315 -1.87 17.23 -21.85
N MET A 316 -0.94 16.29 -22.06
CA MET A 316 0.40 16.60 -22.63
C MET A 316 0.21 17.36 -23.95
N ASP A 317 -0.77 16.98 -24.78
CA ASP A 317 -1.03 17.63 -26.09
C ASP A 317 -1.53 19.06 -25.89
N ASP A 318 -2.42 19.30 -24.93
CA ASP A 318 -2.82 20.68 -24.54
C ASP A 318 -1.57 21.51 -24.21
N LEU A 319 -0.67 20.94 -23.42
CA LEU A 319 0.53 21.64 -22.92
C LEU A 319 1.49 21.94 -24.08
N THR A 320 1.78 20.95 -24.94
CA THR A 320 2.77 21.14 -26.04
C THR A 320 2.21 22.11 -27.07
N THR A 321 0.91 22.02 -27.39
CA THR A 321 0.22 22.98 -28.30
C THR A 321 0.37 24.39 -27.73
N ALA A 322 0.10 24.56 -26.43
CA ALA A 322 0.21 25.87 -25.74
C ALA A 322 1.67 26.37 -25.78
N LEU A 323 2.65 25.52 -25.46
CA LEU A 323 4.08 25.92 -25.46
C LEU A 323 4.48 26.45 -26.85
N GLU A 324 4.04 25.77 -27.91
CA GLU A 324 4.37 26.11 -29.32
C GLU A 324 3.74 27.47 -29.69
N GLY A 325 2.63 27.83 -29.04
CA GLY A 325 1.93 29.11 -29.27
C GLY A 325 2.32 30.18 -28.26
N ASN A 326 3.37 29.94 -27.45
CA ASN A 326 3.87 30.82 -26.36
C ASN A 326 2.71 31.24 -25.42
N ARG A 327 1.81 30.31 -25.11
CA ARG A 327 0.60 30.56 -24.28
C ARG A 327 0.87 30.18 -22.81
N VAL A 328 1.95 29.45 -22.49
CA VAL A 328 2.23 29.01 -21.08
C VAL A 328 3.04 30.12 -20.38
N ARG A 329 2.60 30.52 -19.18
CA ARG A 329 3.34 31.44 -18.30
C ARG A 329 4.11 30.62 -17.26
N GLU A 330 3.39 29.83 -16.46
CA GLU A 330 4.00 29.13 -15.29
C GLU A 330 3.35 27.76 -15.07
N MET A 331 4.15 26.82 -14.60
CA MET A 331 3.69 25.53 -14.03
C MET A 331 4.37 25.35 -12.68
N PHE A 332 3.62 24.97 -11.66
CA PHE A 332 4.17 24.67 -10.32
C PHE A 332 3.38 23.56 -9.65
N GLY A 333 4.06 22.83 -8.77
CA GLY A 333 3.44 21.92 -7.80
C GLY A 333 3.08 22.68 -6.53
N SER A 334 2.07 22.20 -5.79
CA SER A 334 1.70 22.71 -4.46
C SER A 334 1.68 21.58 -3.44
N GLY A 335 2.18 21.83 -2.23
CA GLY A 335 2.21 20.86 -1.13
C GLY A 335 2.71 21.51 0.15
N THR A 336 2.45 20.89 1.29
CA THR A 336 2.85 21.39 2.62
C THR A 336 4.38 21.57 2.65
N ALA A 337 5.15 20.63 2.09
CA ALA A 337 6.62 20.61 2.21
C ALA A 337 7.23 21.71 1.34
N CYS A 338 6.65 22.04 0.18
CA CYS A 338 7.28 23.02 -0.74
C CYS A 338 6.53 24.37 -0.78
N VAL A 339 5.24 24.40 -0.39
CA VAL A 339 4.23 25.46 -0.68
C VAL A 339 4.05 25.60 -2.20
N VAL A 340 5.01 26.18 -2.90
CA VAL A 340 4.95 26.44 -4.37
C VAL A 340 6.27 25.97 -4.97
N CYS A 341 6.21 25.04 -5.92
CA CYS A 341 7.41 24.33 -6.45
C CYS A 341 7.44 24.52 -7.96
N PRO A 342 8.12 25.56 -8.46
CA PRO A 342 8.13 25.85 -9.90
C PRO A 342 8.70 24.70 -10.74
N VAL A 343 8.11 24.49 -11.91
CA VAL A 343 8.53 23.43 -12.87
C VAL A 343 9.19 24.10 -14.07
N SER A 344 10.40 23.67 -14.43
CA SER A 344 11.20 24.25 -15.54
C SER A 344 11.24 23.30 -16.74
N ASP A 345 11.05 21.99 -16.53
CA ASP A 345 11.29 21.00 -17.61
C ASP A 345 10.46 19.73 -17.36
N ILE A 346 10.07 19.08 -18.46
CA ILE A 346 9.43 17.74 -18.47
C ILE A 346 10.18 16.87 -19.48
N LEU A 347 10.67 15.73 -19.01
CA LEU A 347 11.29 14.68 -19.87
C LEU A 347 10.19 13.71 -20.30
N TYR A 348 9.94 13.63 -21.60
CA TYR A 348 8.78 12.93 -22.21
C TYR A 348 9.19 12.40 -23.59
N LYS A 349 8.95 11.11 -23.84
CA LYS A 349 9.23 10.45 -25.15
C LYS A 349 10.65 10.81 -25.63
N GLY A 350 11.62 10.88 -24.73
CA GLY A 350 13.06 11.08 -25.03
C GLY A 350 13.46 12.52 -25.33
N GLU A 351 12.54 13.47 -25.17
CA GLU A 351 12.80 14.92 -25.37
C GLU A 351 12.79 15.60 -23.99
N THR A 352 13.52 16.72 -23.85
CA THR A 352 13.34 17.66 -22.72
C THR A 352 12.45 18.80 -23.23
N ILE A 353 11.27 18.95 -22.65
CA ILE A 353 10.29 20.03 -22.99
C ILE A 353 10.50 21.12 -21.95
N HIS A 354 10.93 22.30 -22.38
CA HIS A 354 11.19 23.42 -21.46
C HIS A 354 9.86 24.09 -21.14
N ILE A 355 9.66 24.38 -19.85
CA ILE A 355 8.50 25.19 -19.36
C ILE A 355 9.06 26.53 -18.91
N PRO A 356 8.54 27.64 -19.48
CA PRO A 356 9.14 28.96 -19.27
C PRO A 356 8.73 29.66 -17.95
N THR A 357 8.41 28.88 -16.92
CA THR A 357 8.02 29.37 -15.56
C THR A 357 9.00 30.45 -15.06
N MET A 358 10.29 30.12 -14.98
CA MET A 358 11.30 31.00 -14.35
C MET A 358 11.62 32.23 -15.21
N GLU A 359 11.33 32.20 -16.52
CA GLU A 359 11.47 33.39 -17.40
C GLU A 359 10.21 34.27 -17.33
N ASN A 360 9.15 33.84 -16.63
CA ASN A 360 7.91 34.63 -16.51
C ASN A 360 7.74 35.08 -15.05
N GLY A 361 8.86 35.27 -14.34
CA GLY A 361 8.87 35.79 -12.96
C GLY A 361 9.58 34.82 -12.02
N PRO A 362 8.92 33.74 -11.53
CA PRO A 362 7.52 33.44 -11.84
C PRO A 362 6.58 34.30 -10.98
N LYS A 363 5.83 35.20 -11.62
CA LYS A 363 5.05 36.28 -10.95
C LYS A 363 3.95 35.68 -10.07
N LEU A 364 3.14 34.74 -10.58
CA LEU A 364 1.99 34.17 -9.81
C LEU A 364 2.54 33.27 -8.69
N ALA A 365 3.48 32.37 -9.02
CA ALA A 365 4.12 31.49 -8.03
C ALA A 365 4.68 32.33 -6.87
N SER A 366 5.39 33.41 -7.17
CA SER A 366 6.00 34.33 -6.17
C SER A 366 4.90 34.97 -5.31
N ARG A 367 3.84 35.48 -5.96
CA ARG A 367 2.72 36.16 -5.27
C ARG A 367 2.07 35.17 -4.29
N ILE A 368 1.81 33.94 -4.75
CA ILE A 368 1.21 32.86 -3.91
C ILE A 368 2.15 32.53 -2.74
N LEU A 369 3.43 32.30 -3.01
CA LEU A 369 4.42 31.94 -1.96
C LEU A 369 4.48 33.07 -0.92
N SER A 370 4.55 34.33 -1.37
CA SER A 370 4.61 35.52 -0.49
C SER A 370 3.39 35.55 0.44
N LYS A 371 2.20 35.35 -0.13
CA LYS A 371 0.93 35.44 0.63
C LYS A 371 0.88 34.33 1.68
N LEU A 372 1.14 33.08 1.28
CA LEU A 372 1.01 31.93 2.21
C LEU A 372 2.04 32.03 3.33
N THR A 373 3.29 32.40 3.00
CA THR A 373 4.37 32.48 4.03
C THR A 373 4.08 33.67 4.95
N ASP A 374 3.52 34.77 4.43
CA ASP A 374 3.15 35.95 5.26
C ASP A 374 2.13 35.50 6.31
N ILE A 375 1.15 34.69 5.91
CA ILE A 375 0.09 34.15 6.82
C ILE A 375 0.73 33.17 7.80
N GLN A 376 1.51 32.21 7.30
CA GLN A 376 2.13 31.15 8.14
C GLN A 376 2.97 31.77 9.27
N TYR A 377 3.74 32.82 8.98
CA TYR A 377 4.72 33.42 9.94
C TYR A 377 4.12 34.63 10.65
N GLY A 378 2.80 34.83 10.52
CA GLY A 378 2.04 35.86 11.25
C GLY A 378 2.39 37.27 10.84
N ARG A 379 2.87 37.47 9.61
CA ARG A 379 3.17 38.82 9.05
C ARG A 379 1.85 39.52 8.69
N GLU A 380 0.77 38.76 8.54
CA GLU A 380 -0.61 39.32 8.46
C GLU A 380 -1.58 38.36 9.15
N GLU A 381 -2.67 38.92 9.67
CA GLU A 381 -3.76 38.15 10.33
C GLU A 381 -4.52 37.37 9.25
N ARG A 382 -5.04 36.20 9.61
CA ARG A 382 -5.82 35.33 8.70
C ARG A 382 -6.70 34.40 9.54
N ASP A 383 -7.89 34.10 9.05
CA ASP A 383 -8.77 33.01 9.55
C ASP A 383 -8.09 31.64 9.39
N TRP A 384 -7.01 31.55 8.61
CA TRP A 384 -6.36 30.26 8.23
C TRP A 384 -5.35 29.79 9.27
N THR A 385 -5.04 30.59 10.29
CA THR A 385 -4.02 30.21 11.29
C THR A 385 -4.66 30.14 12.67
N ILE A 386 -4.08 29.29 13.52
CA ILE A 386 -4.40 29.22 14.98
C ILE A 386 -3.10 29.42 15.74
N VAL A 387 -3.11 30.31 16.74
CA VAL A 387 -1.97 30.49 17.68
C VAL A 387 -2.03 29.33 18.67
N LEU A 388 -0.87 28.76 18.99
CA LEU A 388 -0.76 27.48 19.73
C LEU A 388 -1.47 27.53 21.09
N SER A 389 -2.04 26.37 21.46
CA SER A 389 -2.65 26.04 22.78
C SER A 389 -1.69 26.37 23.91
N VAL B 24 27.82 -3.58 1.48
CA VAL B 24 29.02 -4.43 1.23
C VAL B 24 28.60 -5.90 1.14
N VAL B 25 27.89 -6.42 2.16
CA VAL B 25 27.35 -7.82 2.15
C VAL B 25 26.13 -7.84 1.22
N GLY B 26 26.38 -8.19 -0.05
CA GLY B 26 25.39 -8.21 -1.13
C GLY B 26 24.21 -9.11 -0.85
N THR B 27 24.43 -10.31 -0.25
N THR B 27 24.43 -10.23 -0.16
CA THR B 27 23.35 -11.22 0.23
CA THR B 27 23.52 -11.25 0.35
CA THR B 27 23.34 -11.09 0.33
C THR B 27 23.75 -11.91 1.55
C THR B 27 23.75 -11.92 1.56
N PHE B 28 22.75 -12.26 2.37
CA PHE B 28 22.88 -13.19 3.50
C PHE B 28 23.01 -14.61 2.97
N LYS B 29 23.59 -15.49 3.80
CA LYS B 29 23.84 -16.92 3.49
C LYS B 29 23.30 -17.79 4.63
N ALA B 30 22.58 -18.85 4.28
CA ALA B 30 22.01 -19.82 5.24
C ALA B 30 23.13 -20.41 6.09
N LYS B 31 24.33 -20.58 5.52
CA LYS B 31 25.45 -21.21 6.27
C LYS B 31 25.79 -20.32 7.47
N ASP B 32 25.41 -19.03 7.47
CA ASP B 32 25.70 -18.08 8.57
C ASP B 32 24.57 -18.01 9.60
N LEU B 33 23.53 -18.85 9.48
CA LEU B 33 22.34 -18.81 10.37
C LEU B 33 22.78 -18.83 11.84
N ILE B 34 22.24 -17.92 12.63
CA ILE B 34 22.35 -17.92 14.11
C ILE B 34 21.00 -18.40 14.68
N VAL B 35 21.01 -19.52 15.39
CA VAL B 35 19.78 -20.16 15.92
C VAL B 35 19.72 -19.99 17.43
N THR B 36 18.72 -19.25 17.89
CA THR B 36 18.39 -19.02 19.32
C THR B 36 17.10 -19.76 19.63
N PRO B 37 17.12 -21.04 20.08
CA PRO B 37 15.88 -21.75 20.35
C PRO B 37 15.12 -21.15 21.53
N ALA B 38 13.77 -21.20 21.48
CA ALA B 38 12.88 -20.79 22.58
C ALA B 38 13.11 -21.70 23.79
N THR B 39 13.00 -21.14 25.01
CA THR B 39 13.13 -21.89 26.28
C THR B 39 11.89 -22.76 26.49
N ILE B 40 10.71 -22.16 26.30
CA ILE B 40 9.39 -22.79 26.59
C ILE B 40 8.63 -22.88 25.26
N LEU B 41 8.26 -24.10 24.85
CA LEU B 41 7.51 -24.36 23.60
C LEU B 41 6.00 -24.27 23.89
N LYS B 42 5.23 -23.72 22.95
CA LYS B 42 3.77 -23.48 23.10
C LYS B 42 3.00 -24.76 22.74
N GLU B 43 1.81 -24.94 23.31
CA GLU B 43 0.91 -26.07 22.95
C GLU B 43 0.43 -25.86 21.51
N LYS B 44 0.50 -26.92 20.71
CA LYS B 44 -0.02 -26.95 19.32
C LYS B 44 -1.54 -26.94 19.38
N PRO B 45 -2.22 -26.31 18.40
CA PRO B 45 -3.68 -26.30 18.36
C PRO B 45 -4.25 -27.60 17.79
N ASP B 46 -5.56 -27.82 17.97
CA ASP B 46 -6.34 -28.90 17.31
C ASP B 46 -6.47 -28.57 15.83
N PRO B 47 -5.99 -29.44 14.89
CA PRO B 47 -6.05 -29.14 13.44
C PRO B 47 -7.43 -28.74 12.91
N ASN B 48 -8.51 -29.20 13.55
CA ASN B 48 -9.90 -28.98 13.06
C ASN B 48 -10.53 -27.73 13.69
N ASN B 49 -9.85 -27.05 14.63
CA ASN B 49 -10.38 -25.81 15.26
C ASN B 49 -9.49 -24.60 14.92
N LEU B 50 -8.88 -24.60 13.73
CA LEU B 50 -7.88 -23.57 13.33
C LEU B 50 -8.57 -22.42 12.59
N VAL B 51 -8.42 -21.20 13.10
CA VAL B 51 -8.74 -19.94 12.34
C VAL B 51 -7.46 -19.48 11.62
N PHE B 52 -7.51 -19.44 10.28
CA PHE B 52 -6.38 -19.07 9.39
C PHE B 52 -5.65 -17.83 9.92
N GLY B 53 -4.33 -17.97 10.10
CA GLY B 53 -3.41 -16.83 10.30
C GLY B 53 -3.52 -16.20 11.66
N THR B 54 -4.07 -16.90 12.65
CA THR B 54 -4.20 -16.36 14.04
C THR B 54 -3.24 -17.08 14.98
N VAL B 55 -2.78 -18.29 14.62
CA VAL B 55 -1.86 -19.09 15.48
C VAL B 55 -0.48 -19.08 14.84
N PHE B 56 0.55 -18.77 15.62
CA PHE B 56 1.95 -18.73 15.13
C PHE B 56 2.77 -19.75 15.90
N THR B 57 3.81 -20.27 15.22
CA THR B 57 4.73 -21.29 15.77
C THR B 57 5.70 -20.66 16.78
N ASP B 58 6.65 -21.44 17.29
CA ASP B 58 7.59 -21.00 18.35
C ASP B 58 8.62 -20.01 17.82
N HIS B 59 9.06 -20.19 16.56
CA HIS B 59 10.22 -19.47 15.99
C HIS B 59 9.86 -18.66 14.76
N MET B 60 10.71 -17.68 14.48
CA MET B 60 10.65 -16.83 13.27
C MET B 60 12.07 -16.69 12.69
N LEU B 61 12.14 -16.32 11.41
CA LEU B 61 13.38 -15.88 10.74
C LEU B 61 13.37 -14.36 10.66
N THR B 62 14.47 -13.71 11.02
CA THR B 62 14.70 -12.26 10.77
C THR B 62 16.05 -12.09 10.10
N VAL B 63 16.12 -11.17 9.15
CA VAL B 63 17.38 -10.72 8.51
C VAL B 63 17.31 -9.21 8.30
N GLU B 64 18.28 -8.50 8.88
CA GLU B 64 18.43 -7.02 8.79
C GLU B 64 19.28 -6.67 7.56
N TRP B 65 18.89 -5.58 6.89
CA TRP B 65 19.68 -4.96 5.80
C TRP B 65 19.84 -3.46 6.06
N SER B 66 21.01 -2.93 5.72
CA SER B 66 21.29 -1.48 5.60
C SER B 66 22.08 -1.23 4.31
N SER B 67 21.86 -0.06 3.70
CA SER B 67 22.63 0.44 2.54
C SER B 67 24.11 0.48 2.91
N GLU B 68 24.43 0.86 4.14
CA GLU B 68 25.83 1.09 4.61
C GLU B 68 26.61 -0.23 4.67
N PHE B 69 26.03 -1.30 5.24
CA PHE B 69 26.75 -2.56 5.55
C PHE B 69 26.18 -3.74 4.76
N GLY B 70 25.03 -3.59 4.11
CA GLY B 70 24.36 -4.69 3.40
C GLY B 70 23.58 -5.58 4.37
N TRP B 71 23.49 -6.86 4.02
CA TRP B 71 22.75 -7.89 4.80
C TRP B 71 23.55 -8.32 6.03
N GLU B 72 22.90 -8.29 7.20
CA GLU B 72 23.41 -8.93 8.43
C GLU B 72 23.21 -10.44 8.30
N LYS B 73 23.75 -11.20 9.25
CA LYS B 73 23.54 -12.66 9.32
C LYS B 73 22.08 -12.94 9.63
N PRO B 74 21.50 -14.00 9.03
CA PRO B 74 20.13 -14.39 9.32
C PRO B 74 20.00 -15.05 10.69
N HIS B 75 18.87 -14.80 11.36
CA HIS B 75 18.57 -15.31 12.71
C HIS B 75 17.28 -16.14 12.71
N ILE B 76 17.35 -17.33 13.28
CA ILE B 76 16.12 -18.08 13.70
C ILE B 76 16.04 -17.94 15.21
N LYS B 77 14.96 -17.35 15.70
CA LYS B 77 14.81 -17.00 17.14
C LYS B 77 13.34 -17.09 17.52
N PRO B 78 13.02 -16.99 18.84
CA PRO B 78 11.63 -17.11 19.26
C PRO B 78 10.81 -15.99 18.63
N LEU B 79 9.58 -16.33 18.24
CA LEU B 79 8.57 -15.36 17.78
C LEU B 79 8.52 -14.23 18.82
N GLN B 80 8.58 -12.98 18.36
CA GLN B 80 8.64 -11.79 19.24
C GLN B 80 8.12 -10.60 18.45
N ASN B 81 7.71 -9.55 19.16
CA ASN B 81 7.38 -8.26 18.52
C ASN B 81 8.60 -7.74 17.76
N LEU B 82 8.35 -6.97 16.70
CA LEU B 82 9.38 -6.19 15.99
C LEU B 82 9.53 -4.85 16.70
N SER B 83 10.77 -4.39 16.86
CA SER B 83 11.11 -3.04 17.37
C SER B 83 11.45 -2.16 16.17
N LEU B 84 10.50 -1.31 15.76
CA LEU B 84 10.59 -0.45 14.54
C LEU B 84 10.58 1.02 14.94
N HIS B 85 11.48 1.80 14.33
CA HIS B 85 11.45 3.27 14.40
C HIS B 85 10.10 3.70 13.87
N PRO B 86 9.37 4.60 14.56
CA PRO B 86 8.03 4.99 14.11
C PRO B 86 7.98 5.71 12.75
N GLY B 87 9.14 6.17 12.26
CA GLY B 87 9.30 6.78 10.92
C GLY B 87 9.50 5.74 9.81
N SER B 88 9.50 4.45 10.13
CA SER B 88 9.75 3.31 9.19
C SER B 88 8.85 3.43 7.95
N SER B 89 9.44 3.38 6.75
CA SER B 89 8.65 3.63 5.52
C SER B 89 7.56 2.56 5.31
N ALA B 90 7.68 1.36 5.88
CA ALA B 90 6.58 0.37 5.83
C ALA B 90 5.28 0.94 6.41
N LEU B 91 5.37 1.82 7.42
CA LEU B 91 4.19 2.34 8.16
C LEU B 91 3.62 3.60 7.47
N HIS B 92 4.42 4.36 6.72
CA HIS B 92 4.02 5.65 6.11
C HIS B 92 3.64 5.45 4.64
N TYR B 93 4.47 4.72 3.89
CA TYR B 93 4.39 4.65 2.41
C TYR B 93 4.30 3.20 1.94
N ALA B 94 3.88 2.28 2.83
CA ALA B 94 3.59 0.88 2.44
C ALA B 94 4.77 0.31 1.63
N VAL B 95 5.99 0.60 2.07
CA VAL B 95 7.21 -0.01 1.45
C VAL B 95 7.31 -1.41 2.04
N GLU B 96 6.62 -2.36 1.42
CA GLU B 96 6.43 -3.71 1.99
C GLU B 96 5.90 -4.67 0.93
N LEU B 97 6.21 -5.95 1.09
CA LEU B 97 5.64 -7.02 0.26
C LEU B 97 5.64 -8.31 1.08
N PHE B 98 4.91 -9.30 0.59
CA PHE B 98 4.79 -10.60 1.29
C PHE B 98 4.66 -11.72 0.27
N GLU B 99 4.76 -12.94 0.79
CA GLU B 99 4.53 -14.17 0.02
C GLU B 99 3.65 -15.09 0.87
N GLY B 100 3.16 -16.14 0.23
CA GLY B 100 2.33 -17.20 0.84
C GLY B 100 2.63 -18.52 0.18
N LEU B 101 3.14 -19.48 0.96
CA LEU B 101 3.38 -20.86 0.49
C LEU B 101 3.18 -21.84 1.66
N LYS B 102 3.11 -23.13 1.38
CA LYS B 102 2.76 -24.12 2.43
C LYS B 102 3.77 -25.27 2.53
N ALA B 103 3.91 -25.80 3.73
CA ALA B 103 4.55 -27.10 4.02
C ALA B 103 3.45 -28.12 4.34
N PHE B 104 3.57 -29.33 3.76
CA PHE B 104 2.57 -30.42 3.85
C PHE B 104 3.24 -31.68 4.41
N ARG B 105 2.67 -32.26 5.47
CA ARG B 105 3.11 -33.57 6.01
C ARG B 105 2.53 -34.69 5.14
N GLY B 106 3.38 -35.44 4.45
CA GLY B 106 2.92 -36.46 3.49
C GLY B 106 2.31 -37.70 4.14
N VAL B 107 1.60 -38.51 3.36
CA VAL B 107 1.06 -39.84 3.79
C VAL B 107 2.22 -40.73 4.23
N ASP B 108 3.44 -40.43 3.75
CA ASP B 108 4.69 -41.16 4.11
C ASP B 108 5.40 -40.45 5.27
N ASN B 109 4.75 -39.45 5.86
CA ASN B 109 5.27 -38.62 6.98
C ASN B 109 6.51 -37.82 6.57
N LYS B 110 6.77 -37.62 5.28
CA LYS B 110 7.84 -36.69 4.82
C LYS B 110 7.20 -35.32 4.57
N ILE B 111 7.84 -34.26 5.07
CA ILE B 111 7.33 -32.87 4.92
C ILE B 111 7.82 -32.36 3.58
N ARG B 112 6.92 -31.77 2.79
CA ARG B 112 7.23 -31.28 1.43
C ARG B 112 6.84 -29.82 1.33
N LEU B 113 7.65 -29.07 0.58
CA LEU B 113 7.23 -27.76 0.02
C LEU B 113 6.72 -27.99 -1.40
N PHE B 114 5.87 -27.08 -1.84
CA PHE B 114 5.21 -27.11 -3.16
C PHE B 114 5.64 -25.88 -3.95
N GLN B 115 6.32 -26.11 -5.09
CA GLN B 115 6.77 -25.06 -6.04
C GLN B 115 7.42 -23.87 -5.31
N PRO B 116 8.27 -24.05 -4.28
CA PRO B 116 8.70 -22.89 -3.48
C PRO B 116 9.61 -21.92 -4.24
N ASN B 117 10.29 -22.42 -5.28
CA ASN B 117 11.17 -21.58 -6.13
CA ASN B 117 11.16 -21.63 -6.19
C ASN B 117 10.34 -20.55 -6.88
N LEU B 118 9.08 -20.85 -7.23
CA LEU B 118 8.18 -19.87 -7.88
C LEU B 118 7.86 -18.74 -6.88
N ASN B 119 7.65 -19.06 -5.62
CA ASN B 119 7.46 -18.02 -4.57
C ASN B 119 8.73 -17.18 -4.42
N MET B 120 9.92 -17.79 -4.43
CA MET B 120 11.19 -17.01 -4.32
C MET B 120 11.32 -16.07 -5.52
N ASP B 121 11.04 -16.56 -6.74
CA ASP B 121 11.10 -15.75 -7.99
C ASP B 121 10.17 -14.55 -7.85
N ARG B 122 8.93 -14.77 -7.40
CA ARG B 122 7.88 -13.73 -7.34
C ARG B 122 8.25 -12.71 -6.26
N MET B 123 8.78 -13.18 -5.12
CA MET B 123 9.19 -12.28 -3.99
C MET B 123 10.34 -11.37 -4.47
N TYR B 124 11.30 -11.91 -5.22
CA TYR B 124 12.46 -11.15 -5.76
C TYR B 124 11.94 -10.07 -6.73
N ARG B 125 11.04 -10.45 -7.64
CA ARG B 125 10.40 -9.52 -8.62
CA ARG B 125 10.45 -9.49 -8.60
C ARG B 125 9.65 -8.42 -7.86
N SER B 126 8.88 -8.81 -6.84
CA SER B 126 8.14 -7.85 -5.98
C SER B 126 9.14 -6.88 -5.32
N ALA B 127 10.28 -7.38 -4.82
CA ALA B 127 11.28 -6.55 -4.11
C ALA B 127 11.82 -5.48 -5.08
N VAL B 128 12.13 -5.87 -6.31
CA VAL B 128 12.69 -4.96 -7.33
C VAL B 128 11.66 -3.85 -7.58
N ARG B 129 10.37 -4.21 -7.72
N ARG B 129 10.38 -4.20 -7.72
CA ARG B 129 9.26 -3.25 -8.00
CA ARG B 129 9.28 -3.24 -8.00
C ARG B 129 9.04 -2.34 -6.79
C ARG B 129 9.02 -2.35 -6.79
N ALA B 130 9.28 -2.84 -5.58
CA ALA B 130 9.07 -2.08 -4.32
C ALA B 130 10.28 -1.19 -3.99
N THR B 131 11.42 -1.45 -4.63
CA THR B 131 12.78 -0.86 -4.41
C THR B 131 13.38 -1.34 -3.07
N LEU B 132 12.92 -2.48 -2.57
CA LEU B 132 13.58 -3.18 -1.43
C LEU B 132 14.81 -3.91 -1.94
N PRO B 133 15.80 -4.16 -1.06
CA PRO B 133 17.07 -4.74 -1.50
C PRO B 133 16.91 -6.19 -1.99
N VAL B 134 17.64 -6.50 -3.06
CA VAL B 134 17.60 -7.88 -3.61
C VAL B 134 18.39 -8.79 -2.66
N PHE B 135 18.09 -10.07 -2.74
CA PHE B 135 18.64 -11.14 -1.88
C PHE B 135 18.85 -12.36 -2.77
N ASP B 136 19.60 -13.32 -2.27
CA ASP B 136 19.87 -14.59 -2.98
C ASP B 136 18.70 -15.54 -2.72
N LYS B 137 17.96 -15.89 -3.76
CA LYS B 137 16.69 -16.65 -3.63
C LYS B 137 16.95 -18.03 -3.04
N GLU B 138 18.06 -18.66 -3.40
CA GLU B 138 18.40 -20.02 -2.91
CA GLU B 138 18.39 -20.03 -2.92
C GLU B 138 18.74 -19.96 -1.42
N GLU B 139 19.40 -18.89 -0.98
CA GLU B 139 19.77 -18.70 0.45
C GLU B 139 18.51 -18.43 1.27
N LEU B 140 17.56 -17.64 0.77
CA LEU B 140 16.29 -17.43 1.51
C LEU B 140 15.55 -18.76 1.61
N LEU B 141 15.44 -19.53 0.52
CA LEU B 141 14.69 -20.81 0.56
C LEU B 141 15.34 -21.75 1.61
N GLU B 142 16.68 -21.84 1.62
CA GLU B 142 17.37 -22.71 2.59
C GLU B 142 17.06 -22.22 4.01
N CYS B 143 17.05 -20.90 4.27
CA CYS B 143 16.75 -20.34 5.62
C CYS B 143 15.33 -20.71 5.99
N ILE B 144 14.39 -20.61 5.06
CA ILE B 144 12.97 -21.02 5.26
C ILE B 144 12.92 -22.50 5.60
N GLN B 145 13.61 -23.36 4.83
CA GLN B 145 13.65 -24.81 5.13
C GLN B 145 14.15 -25.06 6.55
N GLN B 146 15.18 -24.35 7.01
CA GLN B 146 15.77 -24.57 8.36
C GLN B 146 14.78 -24.12 9.43
N LEU B 147 14.02 -23.06 9.18
CA LEU B 147 12.96 -22.56 10.11
C LEU B 147 11.86 -23.62 10.23
N VAL B 148 11.40 -24.16 9.10
CA VAL B 148 10.33 -25.20 9.07
C VAL B 148 10.85 -26.45 9.77
N LYS B 149 12.10 -26.83 9.48
CA LYS B 149 12.72 -28.04 10.09
C LYS B 149 12.70 -27.90 11.62
N LEU B 150 13.12 -26.75 12.14
CA LEU B 150 13.14 -26.52 13.61
C LEU B 150 11.72 -26.63 14.17
N ASP B 151 10.74 -26.03 13.48
CA ASP B 151 9.32 -26.01 13.93
C ASP B 151 8.49 -27.11 13.25
N GLN B 152 9.12 -28.22 12.85
CA GLN B 152 8.45 -29.22 11.96
C GLN B 152 7.25 -29.89 12.65
N GLU B 153 7.25 -30.00 13.98
CA GLU B 153 6.12 -30.64 14.71
C GLU B 153 4.86 -29.75 14.61
N TRP B 154 4.98 -28.52 14.12
CA TRP B 154 3.82 -27.62 13.82
C TRP B 154 3.16 -27.99 12.50
N VAL B 155 3.84 -28.73 11.61
CA VAL B 155 3.25 -29.16 10.32
C VAL B 155 2.22 -30.23 10.68
N PRO B 156 0.90 -29.95 10.54
CA PRO B 156 -0.12 -30.81 11.15
C PRO B 156 -0.09 -32.26 10.66
N TYR B 157 -0.47 -33.17 11.55
CA TYR B 157 -0.66 -34.62 11.27
C TYR B 157 -2.10 -34.79 10.77
N SER B 158 -2.33 -34.34 9.55
CA SER B 158 -3.67 -34.34 8.90
C SER B 158 -3.46 -34.12 7.41
N THR B 159 -4.16 -34.88 6.57
CA THR B 159 -4.11 -34.74 5.11
C THR B 159 -5.05 -33.63 4.62
N SER B 160 -5.64 -32.83 5.51
CA SER B 160 -6.44 -31.64 5.11
C SER B 160 -5.94 -30.37 5.81
N ALA B 161 -4.81 -30.43 6.53
CA ALA B 161 -4.19 -29.26 7.17
C ALA B 161 -2.75 -29.13 6.68
N SER B 162 -2.13 -27.98 6.95
CA SER B 162 -0.79 -27.63 6.44
C SER B 162 -0.19 -26.51 7.30
N LEU B 163 1.08 -26.21 7.06
CA LEU B 163 1.76 -25.07 7.73
C LEU B 163 1.91 -23.95 6.72
N TYR B 164 1.23 -22.83 6.97
CA TYR B 164 1.31 -21.62 6.13
C TYR B 164 2.62 -20.88 6.46
N ILE B 165 3.33 -20.49 5.42
CA ILE B 165 4.65 -19.80 5.48
C ILE B 165 4.48 -18.39 4.91
N ARG B 166 4.77 -17.37 5.72
CA ARG B 166 4.54 -15.95 5.37
C ARG B 166 5.87 -15.21 5.41
N PRO B 167 6.66 -15.25 4.31
CA PRO B 167 7.77 -14.33 4.14
C PRO B 167 7.22 -12.91 3.98
N THR B 168 7.87 -11.97 4.66
CA THR B 168 7.45 -10.56 4.73
C THR B 168 8.71 -9.72 4.62
N PHE B 169 8.62 -8.57 3.96
CA PHE B 169 9.80 -7.73 3.65
C PHE B 169 9.37 -6.27 3.76
N ILE B 170 9.96 -5.55 4.73
CA ILE B 170 9.51 -4.16 5.09
C ILE B 170 10.66 -3.17 5.04
N GLY B 171 10.36 -1.94 4.62
CA GLY B 171 11.24 -0.77 4.78
C GLY B 171 11.22 -0.26 6.20
N THR B 172 12.39 -0.08 6.81
CA THR B 172 12.51 0.27 8.25
C THR B 172 13.39 1.51 8.44
N GLU B 173 13.60 2.27 7.37
CA GLU B 173 14.43 3.50 7.41
C GLU B 173 13.74 4.56 8.27
N PRO B 174 14.45 5.14 9.26
CA PRO B 174 13.89 6.12 10.17
C PRO B 174 13.89 7.52 9.54
N SER B 175 13.12 7.69 8.49
CA SER B 175 13.11 8.93 7.67
C SER B 175 11.77 9.05 6.97
N LEU B 176 11.19 10.24 6.94
CA LEU B 176 9.90 10.48 6.26
C LEU B 176 10.13 10.75 4.76
N GLY B 177 11.38 10.69 4.31
CA GLY B 177 11.70 10.93 2.89
C GLY B 177 10.97 9.91 2.01
N VAL B 178 10.45 10.34 0.87
CA VAL B 178 9.89 9.43 -0.17
C VAL B 178 11.06 9.02 -1.06
N LYS B 179 11.60 7.82 -0.85
CA LYS B 179 12.79 7.37 -1.60
C LYS B 179 13.09 5.91 -1.28
N LYS B 180 13.99 5.32 -2.06
CA LYS B 180 14.47 3.93 -1.87
C LYS B 180 14.91 3.77 -0.42
N PRO B 181 14.42 2.75 0.30
CA PRO B 181 14.80 2.57 1.70
C PRO B 181 16.29 2.22 1.83
N THR B 182 16.92 2.72 2.90
CA THR B 182 18.34 2.47 3.25
C THR B 182 18.42 1.51 4.43
N LYS B 183 17.28 1.04 4.92
CA LYS B 183 17.17 0.05 6.00
C LYS B 183 15.95 -0.82 5.70
N ALA B 184 16.06 -2.12 5.92
CA ALA B 184 14.95 -3.06 5.68
C ALA B 184 15.08 -4.27 6.60
N LEU B 185 13.96 -4.96 6.79
CA LEU B 185 13.88 -6.23 7.54
C LEU B 185 13.11 -7.22 6.68
N LEU B 186 13.72 -8.38 6.46
CA LEU B 186 13.05 -9.57 5.88
C LEU B 186 12.80 -10.54 7.03
N PHE B 187 11.55 -10.99 7.18
CA PHE B 187 11.20 -11.95 8.23
C PHE B 187 10.24 -12.99 7.68
N VAL B 188 10.18 -14.14 8.34
CA VAL B 188 9.26 -15.24 7.97
C VAL B 188 8.52 -15.71 9.21
N LEU B 189 7.19 -15.76 9.10
CA LEU B 189 6.26 -16.33 10.10
C LEU B 189 5.73 -17.68 9.61
N LEU B 190 5.44 -18.58 10.54
CA LEU B 190 4.76 -19.86 10.26
C LEU B 190 3.45 -19.89 11.05
N SER B 191 2.39 -20.38 10.41
CA SER B 191 1.03 -20.42 10.97
C SER B 191 0.34 -21.71 10.54
N PRO B 192 -0.01 -22.64 11.47
CA PRO B 192 -0.72 -23.86 11.08
C PRO B 192 -2.15 -23.48 10.63
N VAL B 193 -2.63 -24.09 9.54
CA VAL B 193 -3.98 -23.77 8.99
C VAL B 193 -4.71 -25.07 8.61
N GLY B 194 -6.04 -25.02 8.67
CA GLY B 194 -6.94 -26.15 8.35
C GLY B 194 -7.21 -26.20 6.86
N PRO B 195 -8.23 -26.97 6.41
CA PRO B 195 -8.49 -27.14 4.98
C PRO B 195 -9.04 -25.89 4.30
N TYR B 196 -9.73 -25.03 5.04
CA TYR B 196 -10.41 -23.83 4.50
C TYR B 196 -9.83 -22.58 5.19
N PHE B 197 -10.66 -21.82 5.91
CA PHE B 197 -10.27 -20.55 6.58
C PHE B 197 -10.79 -20.55 8.03
N SER B 198 -12.07 -20.87 8.24
CA SER B 198 -12.75 -20.88 9.57
C SER B 198 -12.36 -22.15 10.34
N PHE B 202 -15.99 -28.67 0.67
CA PHE B 202 -16.36 -27.51 -0.18
C PHE B 202 -17.54 -26.75 0.44
N ASN B 203 -17.26 -25.61 1.09
N ASN B 203 -17.26 -25.65 1.14
CA ASN B 203 -18.28 -24.67 1.65
CA ASN B 203 -18.30 -24.69 1.60
C ASN B 203 -18.31 -23.42 0.75
C ASN B 203 -18.26 -23.46 0.70
N PRO B 204 -19.14 -23.39 -0.31
CA PRO B 204 -18.96 -22.45 -1.42
C PRO B 204 -19.09 -20.98 -1.04
N VAL B 205 -18.38 -20.10 -1.75
CA VAL B 205 -18.34 -18.65 -1.43
C VAL B 205 -19.37 -17.89 -2.27
N SER B 206 -19.95 -16.86 -1.65
CA SER B 206 -20.73 -15.79 -2.33
C SER B 206 -19.81 -14.58 -2.54
N LEU B 207 -19.89 -13.99 -3.73
CA LEU B 207 -19.03 -12.86 -4.16
C LEU B 207 -19.87 -11.58 -4.21
N TRP B 208 -19.27 -10.49 -3.73
CA TRP B 208 -19.81 -9.11 -3.80
C TRP B 208 -19.18 -8.42 -5.00
N ALA B 209 -20.00 -8.03 -5.98
CA ALA B 209 -19.58 -7.38 -7.24
C ALA B 209 -20.12 -5.94 -7.26
N ASN B 210 -19.24 -4.99 -7.00
CA ASN B 210 -19.54 -3.54 -7.05
C ASN B 210 -18.45 -2.86 -7.87
N PRO B 211 -18.75 -2.42 -9.11
CA PRO B 211 -17.72 -1.87 -10.01
C PRO B 211 -17.21 -0.47 -9.62
N LYS B 212 -17.81 0.15 -8.60
CA LYS B 212 -17.33 1.42 -8.02
C LYS B 212 -15.90 1.29 -7.48
N TYR B 213 -15.47 0.08 -7.09
CA TYR B 213 -14.13 -0.21 -6.52
C TYR B 213 -13.31 -0.99 -7.54
N VAL B 214 -12.04 -0.63 -7.71
CA VAL B 214 -11.11 -1.28 -8.69
C VAL B 214 -9.88 -1.73 -7.91
N ARG B 215 -9.51 -2.99 -8.08
CA ARG B 215 -8.43 -3.63 -7.31
C ARG B 215 -7.07 -3.13 -7.79
N ALA B 216 -6.93 -2.96 -9.10
CA ALA B 216 -5.63 -2.85 -9.80
C ALA B 216 -5.87 -2.32 -11.20
N TRP B 217 -4.90 -1.63 -11.76
CA TRP B 217 -5.02 -0.95 -13.07
C TRP B 217 -3.74 -1.18 -13.86
N LYS B 218 -3.83 -1.07 -15.18
CA LYS B 218 -2.63 -1.14 -16.05
C LYS B 218 -1.73 0.05 -15.72
N GLY B 219 -0.46 -0.24 -15.46
CA GLY B 219 0.54 0.74 -15.01
C GLY B 219 0.69 0.72 -13.50
N GLY B 220 -0.10 -0.13 -12.81
CA GLY B 220 -0.04 -0.30 -11.34
C GLY B 220 0.76 -1.52 -10.94
N THR B 221 0.61 -1.95 -9.68
CA THR B 221 1.42 -3.02 -9.06
C THR B 221 0.54 -4.23 -8.71
N GLY B 222 -0.62 -4.35 -9.33
CA GLY B 222 -1.55 -5.48 -9.07
C GLY B 222 -0.96 -6.84 -9.43
N ASP B 223 0.11 -6.88 -10.22
CA ASP B 223 0.75 -8.17 -10.61
C ASP B 223 1.90 -8.51 -9.66
N CYS B 224 2.00 -7.81 -8.52
CA CYS B 224 3.02 -8.04 -7.49
C CYS B 224 2.30 -8.18 -6.16
N LYS B 225 2.89 -8.91 -5.23
CA LYS B 225 2.29 -9.15 -3.90
C LYS B 225 2.78 -8.05 -2.95
N MET B 226 2.48 -6.78 -3.27
CA MET B 226 2.91 -5.62 -2.46
C MET B 226 1.76 -5.23 -1.53
N GLY B 227 2.06 -4.96 -0.26
CA GLY B 227 1.04 -4.68 0.76
C GLY B 227 0.05 -3.63 0.32
N GLY B 228 0.52 -2.59 -0.37
CA GLY B 228 -0.28 -1.46 -0.87
C GLY B 228 -1.50 -1.88 -1.68
N ASN B 229 -1.41 -2.98 -2.41
CA ASN B 229 -2.52 -3.51 -3.25
C ASN B 229 -3.73 -3.92 -2.38
N TYR B 230 -3.49 -4.28 -1.12
CA TYR B 230 -4.49 -4.92 -0.23
C TYR B 230 -5.11 -3.87 0.72
N GLY B 231 -4.33 -2.90 1.20
CA GLY B 231 -4.85 -1.81 2.05
C GLY B 231 -5.98 -1.07 1.35
N SER B 232 -5.82 -0.83 0.05
CA SER B 232 -6.79 -0.10 -0.81
C SER B 232 -8.00 -0.97 -1.14
N SER B 233 -7.91 -2.30 -0.95
CA SER B 233 -9.00 -3.26 -1.29
C SER B 233 -9.88 -3.55 -0.07
N LEU B 234 -9.47 -3.13 1.13
CA LEU B 234 -10.13 -3.53 2.41
C LEU B 234 -11.55 -2.99 2.50
N PHE B 235 -11.80 -1.75 2.09
CA PHE B 235 -13.15 -1.14 2.19
C PHE B 235 -14.18 -2.04 1.49
N ALA B 236 -13.89 -2.46 0.25
CA ALA B 236 -14.80 -3.31 -0.55
C ALA B 236 -15.00 -4.66 0.14
N GLN B 237 -13.94 -5.23 0.71
CA GLN B 237 -14.00 -6.52 1.45
C GLN B 237 -14.93 -6.37 2.65
N CYS B 238 -14.81 -5.29 3.45
CA CYS B 238 -15.70 -5.07 4.62
C CYS B 238 -17.15 -4.86 4.15
N GLU B 239 -17.35 -4.20 3.00
CA GLU B 239 -18.69 -4.04 2.40
C GLU B 239 -19.23 -5.42 1.98
N ALA B 240 -18.38 -6.29 1.43
CA ALA B 240 -18.76 -7.67 1.03
C ALA B 240 -19.29 -8.41 2.27
N VAL B 241 -18.53 -8.44 3.35
CA VAL B 241 -18.88 -9.18 4.60
C VAL B 241 -20.18 -8.59 5.18
N ASP B 242 -20.36 -7.26 5.12
CA ASP B 242 -21.60 -6.60 5.59
C ASP B 242 -22.81 -7.12 4.81
N ASN B 243 -22.61 -7.63 3.59
CA ASN B 243 -23.68 -8.14 2.69
C ASN B 243 -23.65 -9.67 2.63
N GLY B 244 -23.02 -10.32 3.60
CA GLY B 244 -23.00 -11.79 3.75
C GLY B 244 -22.16 -12.48 2.68
N CYS B 245 -21.20 -11.77 2.05
CA CYS B 245 -20.27 -12.34 1.04
C CYS B 245 -18.89 -12.51 1.68
N GLN B 246 -18.15 -13.52 1.24
CA GLN B 246 -16.83 -13.87 1.80
C GLN B 246 -15.72 -13.17 1.02
N GLN B 247 -15.95 -12.89 -0.26
CA GLN B 247 -14.91 -12.32 -1.16
C GLN B 247 -15.53 -11.28 -2.09
N VAL B 248 -14.68 -10.40 -2.60
CA VAL B 248 -15.04 -9.40 -3.62
C VAL B 248 -14.78 -10.00 -5.01
N LEU B 249 -15.77 -9.92 -5.89
CA LEU B 249 -15.51 -10.17 -7.34
C LEU B 249 -14.99 -8.84 -7.92
N TRP B 250 -13.71 -8.80 -8.25
CA TRP B 250 -13.02 -7.59 -8.72
C TRP B 250 -13.31 -7.34 -10.20
N LEU B 251 -14.02 -6.25 -10.48
CA LEU B 251 -14.45 -5.86 -11.85
C LEU B 251 -13.53 -4.76 -12.37
N TYR B 252 -13.24 -4.79 -13.66
CA TYR B 252 -12.36 -3.81 -14.33
C TYR B 252 -12.94 -3.33 -15.66
N GLY B 253 -12.92 -2.00 -15.87
CA GLY B 253 -13.25 -1.37 -17.16
C GLY B 253 -14.74 -1.20 -17.37
N GLU B 254 -15.09 -0.50 -18.44
CA GLU B 254 -16.48 -0.15 -18.80
C GLU B 254 -17.32 -1.41 -19.08
N ASP B 255 -16.71 -2.51 -19.51
CA ASP B 255 -17.46 -3.76 -19.84
C ASP B 255 -17.42 -4.74 -18.65
N HIS B 256 -16.92 -4.32 -17.49
CA HIS B 256 -16.98 -5.12 -16.23
C HIS B 256 -16.32 -6.48 -16.44
N GLN B 257 -15.04 -6.50 -16.82
CA GLN B 257 -14.22 -7.72 -16.84
C GLN B 257 -14.20 -8.32 -15.45
N ILE B 258 -14.43 -9.62 -15.32
CA ILE B 258 -14.27 -10.34 -14.02
C ILE B 258 -12.81 -10.76 -13.93
N THR B 259 -12.11 -10.35 -12.88
CA THR B 259 -10.62 -10.43 -12.85
C THR B 259 -10.15 -11.45 -11.82
N GLU B 260 -10.53 -11.26 -10.55
CA GLU B 260 -10.04 -12.05 -9.40
C GLU B 260 -11.24 -12.35 -8.49
N VAL B 261 -11.20 -13.54 -7.89
CA VAL B 261 -12.15 -13.96 -6.83
C VAL B 261 -11.51 -13.50 -5.52
N GLY B 262 -11.64 -12.22 -5.22
CA GLY B 262 -11.08 -11.61 -4.00
C GLY B 262 -9.56 -11.71 -3.96
N THR B 263 -9.04 -12.59 -3.12
CA THR B 263 -7.60 -12.85 -2.87
C THR B 263 -7.09 -13.95 -3.80
N MET B 264 -7.93 -14.42 -4.73
CA MET B 264 -7.69 -15.65 -5.51
C MET B 264 -7.87 -15.39 -6.99
N ASN B 265 -7.16 -16.16 -7.82
CA ASN B 265 -7.36 -16.13 -9.29
C ASN B 265 -8.72 -16.74 -9.63
N LEU B 266 -9.28 -16.33 -10.77
CA LEU B 266 -10.65 -16.65 -11.20
C LEU B 266 -10.62 -17.70 -12.30
N PHE B 267 -11.34 -18.80 -12.11
CA PHE B 267 -11.57 -19.82 -13.18
C PHE B 267 -13.06 -19.97 -13.45
N LEU B 268 -13.39 -20.10 -14.74
CA LEU B 268 -14.76 -20.35 -15.23
C LEU B 268 -14.72 -21.55 -16.16
N TYR B 269 -15.49 -22.57 -15.80
CA TYR B 269 -15.65 -23.82 -16.57
C TYR B 269 -17.05 -23.76 -17.19
N TRP B 270 -17.12 -23.73 -18.52
CA TRP B 270 -18.38 -23.40 -19.23
C TRP B 270 -18.33 -23.93 -20.66
N ILE B 271 -19.47 -23.87 -21.33
CA ILE B 271 -19.57 -23.94 -22.81
C ILE B 271 -19.45 -22.51 -23.31
N ASN B 272 -18.43 -22.23 -24.11
CA ASN B 272 -18.13 -20.86 -24.59
C ASN B 272 -19.07 -20.49 -25.74
N GLU B 273 -18.81 -19.33 -26.36
CA GLU B 273 -19.67 -18.68 -27.38
C GLU B 273 -19.71 -19.54 -28.64
N ASP B 274 -18.66 -20.35 -28.88
CA ASP B 274 -18.55 -21.23 -30.07
C ASP B 274 -19.11 -22.62 -29.73
N GLY B 275 -19.69 -22.80 -28.54
CA GLY B 275 -20.29 -24.09 -28.13
C GLY B 275 -19.25 -25.11 -27.73
N GLU B 276 -18.02 -24.70 -27.39
CA GLU B 276 -16.92 -25.61 -26.97
C GLU B 276 -16.81 -25.59 -25.44
N GLU B 277 -16.66 -26.76 -24.84
CA GLU B 277 -16.29 -26.93 -23.43
C GLU B 277 -14.93 -26.25 -23.19
N GLU B 278 -14.82 -25.40 -22.17
CA GLU B 278 -13.64 -24.53 -22.01
C GLU B 278 -13.43 -24.21 -20.53
N LEU B 279 -12.18 -24.28 -20.08
CA LEU B 279 -11.72 -23.70 -18.81
C LEU B 279 -11.04 -22.37 -19.14
N ALA B 280 -11.58 -21.27 -18.64
CA ALA B 280 -11.14 -19.90 -18.96
C ALA B 280 -10.68 -19.20 -17.67
N THR B 281 -9.63 -18.40 -17.79
CA THR B 281 -9.08 -17.56 -16.71
C THR B 281 -8.57 -16.29 -17.35
N PRO B 282 -8.69 -15.11 -16.70
CA PRO B 282 -8.13 -13.87 -17.24
C PRO B 282 -6.64 -13.94 -17.56
N PRO B 283 -6.18 -13.25 -18.63
CA PRO B 283 -4.76 -13.24 -19.00
C PRO B 283 -3.90 -12.37 -18.07
N LEU B 284 -2.58 -12.66 -18.04
CA LEU B 284 -1.61 -11.87 -17.23
C LEU B 284 -1.25 -10.57 -17.99
N ASP B 285 -2.17 -9.60 -17.98
CA ASP B 285 -2.03 -8.35 -18.76
C ASP B 285 -1.64 -7.19 -17.82
N GLY B 286 -1.31 -7.49 -16.57
CA GLY B 286 -0.82 -6.51 -15.57
C GLY B 286 -1.75 -6.26 -14.40
N ILE B 287 -3.03 -6.65 -14.47
CA ILE B 287 -4.01 -6.42 -13.34
C ILE B 287 -4.31 -7.74 -12.61
N ILE B 288 -3.64 -8.83 -12.98
CA ILE B 288 -3.84 -10.17 -12.37
C ILE B 288 -2.56 -10.54 -11.63
N LEU B 289 -2.69 -11.01 -10.39
CA LEU B 289 -1.57 -11.61 -9.63
C LEU B 289 -1.27 -12.97 -10.25
N PRO B 290 -0.05 -13.21 -10.79
CA PRO B 290 0.25 -14.51 -11.40
C PRO B 290 0.39 -15.58 -10.31
N GLY B 291 -0.72 -16.25 -9.98
CA GLY B 291 -0.79 -17.28 -8.92
C GLY B 291 0.00 -18.52 -9.27
N VAL B 292 0.68 -19.10 -8.28
CA VAL B 292 1.27 -20.45 -8.42
C VAL B 292 0.16 -21.48 -8.67
N THR B 293 -0.94 -21.42 -7.93
CA THR B 293 -2.07 -22.37 -8.06
C THR B 293 -2.65 -22.24 -9.49
N ARG B 294 -2.87 -20.99 -9.94
CA ARG B 294 -3.34 -20.70 -11.32
C ARG B 294 -2.46 -21.40 -12.37
N ARG B 295 -1.14 -21.20 -12.26
CA ARG B 295 -0.13 -21.81 -13.19
C ARG B 295 -0.27 -23.34 -13.16
N CYS B 296 -0.35 -23.93 -11.98
CA CYS B 296 -0.46 -25.41 -11.83
C CYS B 296 -1.76 -25.88 -12.49
N ILE B 297 -2.87 -25.18 -12.27
CA ILE B 297 -4.19 -25.62 -12.81
C ILE B 297 -4.15 -25.56 -14.35
N LEU B 298 -3.60 -24.49 -14.92
CA LEU B 298 -3.47 -24.40 -16.40
C LEU B 298 -2.62 -25.58 -16.91
N ASP B 299 -1.51 -25.86 -16.23
CA ASP B 299 -0.59 -26.97 -16.61
C ASP B 299 -1.35 -28.30 -16.58
N LEU B 300 -2.14 -28.56 -15.54
CA LEU B 300 -2.94 -29.83 -15.46
C LEU B 300 -3.99 -29.90 -16.58
N ALA B 301 -4.74 -28.82 -16.79
CA ALA B 301 -5.82 -28.78 -17.81
C ALA B 301 -5.21 -29.00 -19.20
N HIS B 302 -4.05 -28.41 -19.47
CA HIS B 302 -3.31 -28.61 -20.76
C HIS B 302 -2.92 -30.08 -20.88
N GLN B 303 -2.39 -30.65 -19.80
CA GLN B 303 -1.93 -32.06 -19.77
C GLN B 303 -3.10 -33.00 -20.07
N TRP B 304 -4.25 -32.80 -19.43
CA TRP B 304 -5.45 -33.67 -19.60
C TRP B 304 -5.95 -33.64 -21.06
N GLY B 305 -5.96 -32.46 -21.69
CA GLY B 305 -6.40 -32.26 -23.09
C GLY B 305 -7.84 -32.69 -23.30
N GLU B 306 -8.73 -32.51 -22.31
CA GLU B 306 -10.14 -33.00 -22.41
C GLU B 306 -11.09 -31.88 -22.83
N PHE B 307 -10.61 -30.63 -22.80
CA PHE B 307 -11.39 -29.43 -23.16
C PHE B 307 -10.42 -28.29 -23.45
N LYS B 308 -10.94 -27.22 -24.04
CA LYS B 308 -10.16 -26.03 -24.40
C LYS B 308 -9.75 -25.31 -23.11
N VAL B 309 -8.50 -24.82 -23.11
CA VAL B 309 -7.90 -24.04 -21.99
C VAL B 309 -7.53 -22.68 -22.56
N SER B 310 -8.12 -21.60 -22.05
CA SER B 310 -8.03 -20.25 -22.65
C SER B 310 -7.69 -19.23 -21.54
N GLU B 311 -6.60 -18.49 -21.72
CA GLU B 311 -6.34 -17.25 -20.94
C GLU B 311 -6.96 -16.14 -21.77
N ARG B 312 -8.11 -15.65 -21.32
CA ARG B 312 -8.99 -14.79 -22.14
C ARG B 312 -9.80 -13.87 -21.22
N TYR B 313 -10.24 -12.75 -21.75
CA TYR B 313 -11.11 -11.79 -21.03
C TYR B 313 -12.50 -12.42 -20.90
N LEU B 314 -13.10 -12.19 -19.73
CA LEU B 314 -14.45 -12.64 -19.34
C LEU B 314 -15.14 -11.44 -18.70
N THR B 315 -16.36 -11.13 -19.13
CA THR B 315 -17.15 -10.01 -18.59
C THR B 315 -18.38 -10.53 -17.85
N MET B 316 -18.96 -9.69 -16.99
CA MET B 316 -20.24 -9.98 -16.32
C MET B 316 -21.29 -10.36 -17.38
N ASP B 317 -21.33 -9.67 -18.52
CA ASP B 317 -22.33 -9.91 -19.59
C ASP B 317 -22.09 -11.29 -20.22
N ASP B 318 -20.83 -11.67 -20.48
CA ASP B 318 -20.49 -13.05 -20.93
C ASP B 318 -21.10 -14.06 -19.95
N LEU B 319 -20.92 -13.82 -18.64
CA LEU B 319 -21.34 -14.76 -17.58
C LEU B 319 -22.88 -14.85 -17.53
N THR B 320 -23.58 -13.71 -17.52
CA THR B 320 -25.06 -13.71 -17.35
C THR B 320 -25.72 -14.28 -18.61
N THR B 321 -25.19 -13.97 -19.80
CA THR B 321 -25.64 -14.56 -21.08
C THR B 321 -25.47 -16.09 -21.03
N ALA B 322 -24.32 -16.57 -20.56
CA ALA B 322 -24.01 -18.01 -20.41
C ALA B 322 -24.98 -18.65 -19.40
N LEU B 323 -25.19 -18.04 -18.22
CA LEU B 323 -26.11 -18.59 -17.19
C LEU B 323 -27.52 -18.78 -17.76
N GLU B 324 -27.99 -17.80 -18.54
CA GLU B 324 -29.35 -17.80 -19.16
C GLU B 324 -29.45 -18.93 -20.18
N GLY B 325 -28.33 -19.32 -20.80
CA GLY B 325 -28.27 -20.42 -21.79
C GLY B 325 -27.89 -21.75 -21.18
N ASN B 326 -27.83 -21.84 -19.85
CA ASN B 326 -27.38 -23.03 -19.06
C ASN B 326 -26.01 -23.52 -19.56
N ARG B 327 -25.10 -22.60 -19.90
CA ARG B 327 -23.76 -22.91 -20.45
C ARG B 327 -22.68 -22.95 -19.34
N VAL B 328 -22.97 -22.48 -18.12
CA VAL B 328 -21.96 -22.44 -17.02
C VAL B 328 -22.03 -23.76 -16.27
N ARG B 329 -20.87 -24.38 -16.04
CA ARG B 329 -20.74 -25.61 -15.23
CA ARG B 329 -20.79 -25.61 -15.21
C ARG B 329 -20.25 -25.21 -13.82
N GLU B 330 -19.08 -24.58 -13.77
CA GLU B 330 -18.40 -24.31 -12.48
C GLU B 330 -17.66 -22.97 -12.53
N MET B 331 -17.61 -22.28 -11.39
CA MET B 331 -16.72 -21.12 -11.15
C MET B 331 -16.00 -21.36 -9.82
N PHE B 332 -14.69 -21.14 -9.78
CA PHE B 332 -13.91 -21.28 -8.53
C PHE B 332 -12.74 -20.30 -8.52
N GLY B 333 -12.36 -19.89 -7.32
CA GLY B 333 -11.08 -19.20 -7.08
C GLY B 333 -9.96 -20.20 -6.85
N SER B 334 -8.72 -19.78 -7.12
CA SER B 334 -7.51 -20.57 -6.82
C SER B 334 -6.54 -19.72 -6.01
N GLY B 335 -5.91 -20.33 -5.01
CA GLY B 335 -4.92 -19.67 -4.17
C GLY B 335 -4.30 -20.67 -3.22
N THR B 336 -3.14 -20.33 -2.67
CA THR B 336 -2.41 -21.19 -1.72
C THR B 336 -3.34 -21.57 -0.55
N ALA B 337 -4.10 -20.61 -0.02
CA ALA B 337 -4.90 -20.79 1.21
C ALA B 337 -6.10 -21.70 0.94
N CYS B 338 -6.70 -21.68 -0.25
CA CYS B 338 -7.95 -22.45 -0.50
C CYS B 338 -7.72 -23.63 -1.45
N VAL B 339 -6.66 -23.60 -2.27
CA VAL B 339 -6.40 -24.45 -3.46
C VAL B 339 -7.50 -24.21 -4.50
N VAL B 340 -8.70 -24.73 -4.27
CA VAL B 340 -9.87 -24.63 -5.18
C VAL B 340 -11.05 -24.17 -4.30
N CYS B 341 -11.65 -23.02 -4.62
CA CYS B 341 -12.66 -22.36 -3.78
C CYS B 341 -13.93 -22.15 -4.62
N PRO B 342 -14.88 -23.11 -4.62
CA PRO B 342 -16.07 -23.03 -5.46
C PRO B 342 -16.93 -21.80 -5.16
N VAL B 343 -17.48 -21.21 -6.22
CA VAL B 343 -18.36 -20.02 -6.15
C VAL B 343 -19.80 -20.45 -6.44
N SER B 344 -20.73 -20.10 -5.56
CA SER B 344 -22.17 -20.47 -5.68
C SER B 344 -23.03 -19.26 -6.05
N ASP B 345 -22.59 -18.02 -5.77
CA ASP B 345 -23.46 -16.83 -5.92
C ASP B 345 -22.63 -15.55 -6.12
N ILE B 346 -23.19 -14.61 -6.86
CA ILE B 346 -22.64 -13.25 -7.10
C ILE B 346 -23.76 -12.24 -6.86
N LEU B 347 -23.52 -11.30 -5.95
CA LEU B 347 -24.42 -10.15 -5.69
C LEU B 347 -23.97 -8.97 -6.57
N TYR B 348 -24.85 -8.55 -7.47
CA TYR B 348 -24.56 -7.59 -8.57
C TYR B 348 -25.81 -6.76 -8.87
N LYS B 349 -25.66 -5.43 -8.88
CA LYS B 349 -26.76 -4.48 -9.21
C LYS B 349 -28.04 -4.85 -8.43
N GLY B 350 -27.91 -5.26 -7.17
CA GLY B 350 -29.04 -5.48 -6.25
C GLY B 350 -29.64 -6.88 -6.31
N GLU B 351 -29.18 -7.74 -7.23
CA GLU B 351 -29.71 -9.11 -7.45
C GLU B 351 -28.70 -10.15 -6.95
N THR B 352 -29.16 -11.33 -6.57
CA THR B 352 -28.29 -12.52 -6.32
C THR B 352 -28.34 -13.39 -7.57
N ILE B 353 -27.20 -13.57 -8.23
CA ILE B 353 -27.05 -14.43 -9.43
C ILE B 353 -26.50 -15.76 -8.94
N HIS B 354 -27.26 -16.84 -9.10
CA HIS B 354 -26.82 -18.19 -8.66
C HIS B 354 -25.87 -18.77 -9.71
N ILE B 355 -24.76 -19.33 -9.25
CA ILE B 355 -23.78 -20.05 -10.12
C ILE B 355 -23.90 -21.53 -9.78
N PRO B 356 -24.18 -22.40 -10.78
CA PRO B 356 -24.55 -23.78 -10.53
C PRO B 356 -23.37 -24.74 -10.27
N THR B 357 -22.25 -24.23 -9.76
CA THR B 357 -21.01 -25.00 -9.46
C THR B 357 -21.33 -26.28 -8.69
N MET B 358 -21.97 -26.15 -7.52
CA MET B 358 -22.16 -27.29 -6.59
C MET B 358 -23.20 -28.29 -7.13
N GLU B 359 -24.08 -27.88 -8.05
CA GLU B 359 -25.04 -28.81 -8.71
C GLU B 359 -24.42 -29.44 -9.96
N ASN B 360 -23.17 -29.12 -10.30
CA ASN B 360 -22.45 -29.77 -11.42
C ASN B 360 -21.29 -30.59 -10.88
N GLY B 361 -21.40 -31.09 -9.66
CA GLY B 361 -20.40 -31.96 -9.01
C GLY B 361 -19.92 -31.37 -7.69
N PRO B 362 -18.98 -30.38 -7.67
CA PRO B 362 -18.36 -29.84 -8.87
C PRO B 362 -17.25 -30.78 -9.39
N LYS B 363 -17.45 -31.38 -10.57
CA LYS B 363 -16.60 -32.47 -11.12
C LYS B 363 -15.17 -31.98 -11.37
N LEU B 364 -14.98 -30.86 -12.06
CA LEU B 364 -13.61 -30.36 -12.39
C LEU B 364 -12.93 -29.83 -11.13
N ALA B 365 -13.62 -29.03 -10.32
CA ALA B 365 -13.08 -28.49 -9.05
C ALA B 365 -12.57 -29.65 -8.19
N SER B 366 -13.37 -30.70 -8.04
CA SER B 366 -13.04 -31.91 -7.25
C SER B 366 -11.81 -32.61 -7.83
N ARG B 367 -11.78 -32.79 -9.15
CA ARG B 367 -10.67 -33.49 -9.84
C ARG B 367 -9.36 -32.68 -9.63
N ILE B 368 -9.42 -31.36 -9.78
CA ILE B 368 -8.25 -30.46 -9.55
C ILE B 368 -7.81 -30.56 -8.09
N LEU B 369 -8.73 -30.44 -7.14
CA LEU B 369 -8.37 -30.50 -5.70
C LEU B 369 -7.74 -31.85 -5.39
N SER B 370 -8.33 -32.94 -5.89
CA SER B 370 -7.79 -34.31 -5.71
C SER B 370 -6.34 -34.40 -6.22
N LYS B 371 -6.09 -33.87 -7.41
CA LYS B 371 -4.74 -33.98 -8.06
C LYS B 371 -3.72 -33.16 -7.26
N LEU B 372 -4.04 -31.91 -6.96
CA LEU B 372 -3.08 -31.02 -6.25
C LEU B 372 -2.78 -31.59 -4.85
N THR B 373 -3.79 -32.07 -4.12
CA THR B 373 -3.58 -32.63 -2.74
C THR B 373 -2.82 -33.96 -2.85
N ASP B 374 -3.06 -34.75 -3.89
CA ASP B 374 -2.28 -36.02 -4.10
C ASP B 374 -0.79 -35.69 -4.24
N ILE B 375 -0.47 -34.62 -4.96
CA ILE B 375 0.94 -34.15 -5.13
C ILE B 375 1.45 -33.56 -3.81
N GLN B 376 0.69 -32.66 -3.20
CA GLN B 376 1.11 -31.94 -1.97
C GLN B 376 1.45 -32.92 -0.85
N TYR B 377 0.64 -33.96 -0.67
CA TYR B 377 0.74 -34.94 0.46
C TYR B 377 1.50 -36.20 0.00
N GLY B 378 2.17 -36.15 -1.14
CA GLY B 378 3.14 -37.18 -1.58
C GLY B 378 2.46 -38.51 -1.92
N ARG B 379 1.19 -38.48 -2.35
CA ARG B 379 0.47 -39.70 -2.79
C ARG B 379 0.97 -40.08 -4.19
N GLU B 380 1.60 -39.15 -4.91
CA GLU B 380 2.34 -39.43 -6.16
C GLU B 380 3.57 -38.54 -6.23
N GLU B 381 4.59 -38.99 -6.96
CA GLU B 381 5.84 -38.23 -7.21
C GLU B 381 5.52 -37.06 -8.14
N ARG B 382 6.22 -35.94 -7.98
CA ARG B 382 6.03 -34.75 -8.85
C ARG B 382 7.31 -33.92 -8.85
N ASP B 383 7.62 -33.30 -9.99
CA ASP B 383 8.66 -32.23 -10.10
C ASP B 383 8.26 -31.02 -9.24
N TRP B 384 7.00 -30.92 -8.81
CA TRP B 384 6.42 -29.71 -8.17
C TRP B 384 6.68 -29.70 -6.66
N THR B 385 7.18 -30.79 -6.08
CA THR B 385 7.41 -30.84 -4.62
C THR B 385 8.88 -31.09 -4.33
N ILE B 386 9.34 -30.64 -3.17
CA ILE B 386 10.68 -30.98 -2.64
C ILE B 386 10.53 -31.42 -1.19
N VAL B 387 11.24 -32.48 -0.81
CA VAL B 387 11.23 -33.05 0.56
C VAL B 387 12.13 -32.15 1.42
N LEU B 388 11.68 -31.81 2.62
CA LEU B 388 12.37 -30.84 3.51
C LEU B 388 13.79 -31.31 3.81
N SER B 389 14.75 -30.38 3.78
CA SER B 389 16.18 -30.63 4.06
C SER B 389 16.39 -30.79 5.57
N3 UU8 C . 9.57 14.42 -0.93
C4 UU8 C . 9.76 13.81 0.31
C6 UU8 C . 8.76 13.85 1.29
C7 UU8 C . 7.56 14.50 1.01
N12 UU8 C . 7.34 15.09 -0.24
C13 UU8 C . 8.35 15.05 -1.21
C15 UU8 C . 10.34 13.60 -3.09
C17 UU8 C . 11.34 13.49 -4.07
C21 UU8 C . 12.81 14.84 -2.70
C24 UU8 C . 13.55 17.34 -3.86
C26 UU8 C . 15.35 18.88 -4.30
C28 UU8 C . 15.74 16.97 -2.89
C29 UU8 C . 16.69 16.14 -2.02
C27 UU8 C . 16.20 18.13 -3.51
C25 UU8 C . 14.02 18.50 -4.48
C23 UU8 C . 14.40 16.58 -3.07
O22 UU8 C . 14.00 15.44 -2.44
C1 UU8 C . 11.81 14.95 -1.73
C18 UU8 C . 12.56 14.10 -3.87
C19 UU8 C . 13.58 13.99 -4.87
N20 UU8 C . 14.42 13.93 -5.64
F16 UU8 C . 9.15 13.00 -3.28
C2 UU8 C . 10.57 14.34 -1.92
O5 UU8 C . 10.82 13.24 0.56
O14 UU8 C . 8.17 15.58 -2.31
S8 UU8 C . 6.26 14.57 2.18
O10 UU8 C . 6.71 13.81 3.39
O11 UU8 C . 5.93 16.01 2.38
C9 UU8 C . 4.96 13.76 1.39
C30 UU8 C . 3.99 14.50 0.73
C31 UU8 C . 2.98 13.83 0.06
C32 UU8 C . 2.95 12.43 0.03
C33 UU8 C . 3.94 11.71 0.68
C34 UU8 C . 4.96 12.37 1.36
N1 PLP D . -0.56 15.15 -3.94
C2 PLP D . -0.38 14.02 -3.27
C2A PLP D . -0.25 12.75 -4.07
C3 PLP D . -0.27 14.02 -1.87
O3 PLP D . -0.08 12.84 -1.23
C4 PLP D . -0.40 15.23 -1.16
C4A PLP D . -0.29 15.19 0.30
C5 PLP D . -0.60 16.42 -1.92
C6 PLP D . -0.67 16.32 -3.28
C5A PLP D . -0.68 17.81 -1.33
O4P PLP D . -1.27 17.88 -0.01
P PLP D . -1.07 19.21 0.90
O1P PLP D . 0.26 19.05 1.60
O2P PLP D . -2.26 19.02 1.82
O3P PLP D . -1.14 20.43 0.04
C1 GOL E . -8.79 19.56 1.06
O1 GOL E . -7.95 19.98 2.14
C2 GOL E . -9.95 20.51 0.87
O2 GOL E . -10.66 20.65 2.10
C3 GOL E . -10.89 20.07 -0.23
O3 GOL E . -10.61 20.71 -1.47
N3 UU8 F . -8.52 -14.43 3.37
C4 UU8 F . -7.59 -14.16 4.36
C6 UU8 F . -6.24 -14.35 4.12
C7 UU8 F . -5.85 -14.81 2.86
N12 UU8 F . -6.78 -15.07 1.87
C13 UU8 F . -8.12 -14.88 2.11
C15 UU8 F . -10.57 -13.19 3.06
C17 UU8 F . -11.93 -13.02 3.34
C21 UU8 F . -11.88 -14.97 4.77
C24 UU8 F . -13.62 -17.23 4.14
C26 UU8 F . -15.62 -18.33 4.92
C28 UU8 F . -14.35 -16.95 6.43
C29 UU8 F . -14.17 -16.33 7.83
C27 UU8 F . -15.44 -17.77 6.19
C25 UU8 F . -14.71 -18.06 3.90
C23 UU8 F . -13.46 -16.67 5.40
O22 UU8 F . -12.42 -15.86 5.67
C1 UU8 F . -10.52 -15.13 4.49
C18 UU8 F . -12.59 -13.91 4.20
C19 UU8 F . -13.98 -13.71 4.47
N20 UU8 F . -15.07 -13.53 4.67
F16 UU8 F . -9.94 -12.34 2.24
C2 UU8 F . -9.88 -14.25 3.64
O5 UU8 F . -8.00 -13.78 5.47
O14 UU8 F . -8.96 -15.10 1.24
S8 UU8 F . -4.18 -15.02 2.50
O10 UU8 F . -3.36 -14.73 3.70
O11 UU8 F . -3.96 -16.40 1.94
C9 UU8 F . -3.90 -13.83 1.27
C30 UU8 F . -3.74 -14.23 -0.06
C31 UU8 F . -3.54 -13.26 -1.02
C32 UU8 F . -3.51 -11.91 -0.68
C33 UU8 F . -3.69 -11.52 0.66
C34 UU8 F . -3.89 -12.49 1.62
N1 PLP G . -4.73 -13.17 -6.48
C2 PLP G . -4.21 -12.27 -5.65
C2A PLP G . -4.73 -10.87 -5.74
C3 PLP G . -3.20 -12.63 -4.75
O3 PLP G . -2.70 -11.68 -3.93
C4 PLP G . -2.73 -13.95 -4.70
C4A PLP G . -1.65 -14.28 -3.75
C5 PLP G . -3.29 -14.89 -5.60
C6 PLP G . -4.28 -14.45 -6.44
C5A PLP G . -2.98 -16.36 -5.62
O4P PLP G . -1.58 -16.71 -5.59
P PLP G . -1.08 -18.20 -5.23
O1P PLP G . 0.36 -18.08 -5.61
O2P PLP G . -1.29 -18.37 -3.72
O3P PLP G . -1.87 -19.24 -6.01
MG MG H . 24.09 -17.82 -4.39
#